data_3X16
#
_entry.id   3X16
#
_cell.length_a   108.254
_cell.length_b   108.254
_cell.length_c   203.225
_cell.angle_alpha   90.000
_cell.angle_beta   90.000
_cell.angle_gamma   90.000
#
_symmetry.space_group_name_H-M   'P 41 21 2'
#
loop_
_entity.id
_entity.type
_entity.pdbx_description
1 polymer Catalase-peroxidase
2 non-polymer 'HEME B/C'
3 non-polymer 'SODIUM ION'
4 water water
#
_entity_poly.entity_id   1
_entity_poly.type   'polypeptide(L)'
_entity_poly.pdbx_seq_one_letter_code
;MTATQGKCPVMHGGATTVNISTAEWWPKALNLDILSQHDRKTNPMGPDFNYQEEVKKLDVAALKQDLQALMTDSQDWFPA
DWGHYGGLMIRLTWHAAGTYRIADGRGGAGTGNQRFAPLNSWPDNTNLDKARRLLWPIKQKYGNKLSWADLIAYAGTIAY
ESMGLKTFGFAFGREDIWHPEKDIYWGPEKEWVPPSTNPNSRYTGDRELENPLAAVTMGLIYVNPEGVDGNPDPLKTAHD
VRVTFARMAMNDEETVALTAGGHTVGKCHGNGNAALLGPEPEGADVEDQGLGWINKTQSGIGRNAVTSGLEGAWTPHPTQ
WDNGYFRMLLNYDWELKKSPAGAWQWEPINPREEDLPVDVEDPSIRRNLVMTDADMAMKMDPEYRKISERFYQDPAYFAD
VFARAWFKLTHRDMGPKARYIGPDVPQEDLIWQDPIPAGNRNYDVQAVKDRIAASGLSISELVSTAWDSARTYRNSDKRG
GANGARIRLAPQKDWEGNEPDRLAKVLAVLEGIAAATGASVADVIVLAGNVGVEQAARAAGVEIVLPFAPGRGDATAEQT
DTESFAVLEPIHDGYRNWLKQDYAATPEELLLDRTQLLGLTAPEMTVLIGGLRVLGTNHGGTKHGVFTDREGVLTNDFFV
NLTDMNYLWKPAGKNLYEICDRKTNQVKWTATRVDLVFGSNSILRAYSELYAQDDNKEKFVRDFVAAWTKVMNADRFDLD
;
_entity_poly.pdbx_strand_id   A
#
loop_
_chem_comp.id
_chem_comp.type
_chem_comp.name
_chem_comp.formula
HEB non-polymer 'HEME B/C' 'C34 H34 Fe N4 O4'
NA non-polymer 'SODIUM ION' 'Na 1'
#
# COMPACT_ATOMS: atom_id res chain seq x y z
N MET A 11 -8.13 33.38 -24.21
CA MET A 11 -7.61 32.57 -25.40
C MET A 11 -6.09 32.61 -25.42
N HIS A 12 -5.48 31.46 -25.12
CA HIS A 12 -4.11 31.36 -24.56
C HIS A 12 -3.49 29.98 -24.88
N GLY A 13 -2.18 29.80 -24.62
CA GLY A 13 -1.47 28.57 -25.03
C GLY A 13 -1.12 27.44 -24.03
N GLY A 14 -1.53 27.56 -22.77
CA GLY A 14 -1.11 26.63 -21.69
C GLY A 14 -1.91 25.34 -21.59
N ALA A 15 -1.25 24.22 -21.37
CA ALA A 15 -1.96 22.93 -21.27
C ALA A 15 -2.57 22.79 -19.85
N THR A 16 -3.59 23.59 -19.67
CA THR A 16 -4.00 24.21 -18.43
C THR A 16 -5.12 23.35 -17.69
N THR A 17 -5.80 22.50 -18.46
CA THR A 17 -6.56 21.37 -17.89
C THR A 17 -5.93 20.04 -18.26
N VAL A 18 -6.33 18.99 -17.52
CA VAL A 18 -5.61 17.69 -17.44
C VAL A 18 -5.76 16.73 -18.64
N ASN A 19 -6.91 16.78 -19.32
CA ASN A 19 -7.12 16.04 -20.58
C ASN A 19 -6.02 16.32 -21.66
N ILE A 20 -5.45 17.53 -21.63
CA ILE A 20 -4.42 18.00 -22.58
C ILE A 20 -3.03 17.40 -22.24
N SER A 21 -2.72 16.27 -22.86
CA SER A 21 -1.39 15.64 -22.72
C SER A 21 -1.02 14.68 -23.88
N THR A 22 0.13 14.03 -23.72
CA THR A 22 0.66 12.99 -24.61
C THR A 22 -0.02 11.59 -24.44
N ALA A 23 -0.74 11.45 -23.33
CA ALA A 23 -1.44 10.21 -22.96
C ALA A 23 -2.56 9.79 -23.92
N GLU A 24 -3.14 10.76 -24.64
CA GLU A 24 -4.27 10.46 -25.53
C GLU A 24 -3.82 10.05 -26.96
N TRP A 25 -2.56 10.30 -27.30
CA TRP A 25 -1.97 9.78 -28.55
C TRP A 25 -1.38 8.38 -28.38
N TRP A 26 -0.67 8.15 -27.27
CA TRP A 26 0.06 6.88 -27.11
C TRP A 26 -0.29 6.33 -25.74
N PRO A 27 -1.51 5.81 -25.61
CA PRO A 27 -2.01 5.41 -24.28
C PRO A 27 -1.33 4.14 -23.73
N LYS A 28 -0.66 3.37 -24.59
CA LYS A 28 0.04 2.15 -24.17
C LYS A 28 1.49 2.48 -23.68
N ALA A 29 1.84 3.76 -23.69
CA ALA A 29 3.17 4.24 -23.26
C ALA A 29 3.42 4.02 -21.78
N LEU A 30 4.65 3.70 -21.47
CA LEU A 30 5.07 3.55 -20.08
C LEU A 30 4.79 4.76 -19.26
N ASN A 31 4.34 4.58 -18.02
CA ASN A 31 4.04 5.79 -17.25
C ASN A 31 5.20 6.22 -16.34
N LEU A 32 6.29 6.68 -16.94
CA LEU A 32 7.46 7.03 -16.11
C LEU A 32 7.23 8.09 -15.00
N ASP A 33 6.16 8.90 -15.06
CA ASP A 33 5.85 9.92 -14.02
C ASP A 33 5.65 9.33 -12.65
N ILE A 34 5.35 8.04 -12.58
CA ILE A 34 5.08 7.41 -11.27
C ILE A 34 6.38 7.29 -10.48
N LEU A 35 7.50 7.38 -11.19
CA LEU A 35 8.81 7.41 -10.57
C LEU A 35 9.24 8.78 -10.13
N SER A 36 8.50 9.81 -10.44
CA SER A 36 8.99 11.16 -10.17
C SER A 36 8.03 11.97 -9.31
N GLN A 37 7.16 11.26 -8.60
CA GLN A 37 6.17 11.84 -7.65
C GLN A 37 6.80 12.41 -6.40
N HIS A 38 6.14 13.35 -5.75
CA HIS A 38 6.52 13.77 -4.39
C HIS A 38 7.94 14.36 -4.37
N ASP A 39 8.23 15.25 -5.29
CA ASP A 39 9.58 15.72 -5.52
C ASP A 39 9.62 17.14 -4.94
N ARG A 40 10.80 17.78 -4.97
CA ARG A 40 11.04 19.08 -4.29
C ARG A 40 9.95 20.11 -4.59
N LYS A 41 9.50 20.18 -5.86
CA LYS A 41 8.62 21.28 -6.32
C LYS A 41 7.13 21.22 -5.96
N THR A 42 6.65 20.03 -5.59
CA THR A 42 5.32 19.87 -5.01
C THR A 42 5.34 19.92 -3.52
N ASN A 43 6.54 19.74 -2.96
CA ASN A 43 6.71 19.79 -1.51
C ASN A 43 6.88 21.21 -0.97
N PRO A 44 5.91 21.71 -0.20
CA PRO A 44 5.98 23.09 0.37
C PRO A 44 6.91 23.24 1.59
N MET A 45 7.36 22.12 2.13
CA MET A 45 8.25 22.11 3.28
C MET A 45 9.68 22.48 2.89
N GLY A 46 10.45 22.89 3.89
CA GLY A 46 11.86 23.11 3.74
C GLY A 46 12.52 21.76 3.50
N PRO A 47 13.71 21.79 2.93
CA PRO A 47 14.44 20.55 2.64
C PRO A 47 14.91 19.82 3.92
N ASP A 48 15.08 20.60 4.99
CA ASP A 48 15.51 20.02 6.25
C ASP A 48 14.42 19.52 7.13
N PHE A 49 13.17 19.91 6.84
CA PHE A 49 12.05 19.52 7.66
C PHE A 49 11.97 18.02 7.73
N ASN A 50 11.93 17.50 8.95
CA ASN A 50 11.85 16.06 9.18
C ASN A 50 10.67 15.80 10.12
N TYR A 51 9.71 15.03 9.63
CA TYR A 51 8.42 14.92 10.32
C TYR A 51 8.64 14.12 11.56
N GLN A 52 9.49 13.10 11.45
CA GLN A 52 9.71 12.18 12.58
C GLN A 52 10.20 12.86 13.83
N GLU A 53 11.05 13.86 13.72
CA GLU A 53 11.49 14.48 14.96
C GLU A 53 10.48 15.49 15.44
N GLU A 54 9.62 15.98 14.55
CA GLU A 54 8.66 17.00 14.93
C GLU A 54 7.51 16.42 15.69
N VAL A 55 7.00 15.27 15.22
CA VAL A 55 5.88 14.60 15.89
C VAL A 55 6.31 14.08 17.27
N LYS A 56 7.57 13.68 17.40
CA LYS A 56 8.15 13.43 18.71
C LYS A 56 7.96 14.51 19.78
N LYS A 57 7.84 15.78 19.40
CA LYS A 57 7.62 16.90 20.32
C LYS A 57 6.16 17.29 20.56
N LEU A 58 5.26 16.48 20.02
CA LEU A 58 3.85 16.82 20.00
C LEU A 58 3.25 16.58 21.34
N ASP A 59 2.40 17.48 21.80
CA ASP A 59 1.64 17.29 23.01
C ASP A 59 0.40 16.44 22.77
N VAL A 60 0.69 15.15 22.67
CA VAL A 60 -0.26 14.10 22.48
C VAL A 60 -1.37 14.15 23.48
N ALA A 61 -1.07 14.07 24.76
CA ALA A 61 -2.13 14.16 25.76
C ALA A 61 -3.08 15.35 25.49
N ALA A 62 -2.55 16.49 25.04
CA ALA A 62 -3.43 17.66 24.79
C ALA A 62 -4.29 17.47 23.51
N LEU A 63 -3.66 16.85 22.52
CA LEU A 63 -4.31 16.42 21.33
C LEU A 63 -5.50 15.50 21.64
N LYS A 64 -5.26 14.44 22.43
CA LYS A 64 -6.33 13.52 22.87
C LYS A 64 -7.48 14.25 23.46
N GLN A 65 -7.17 15.18 24.33
CA GLN A 65 -8.18 15.98 24.96
C GLN A 65 -9.03 16.72 23.89
N ASP A 66 -8.35 17.44 23.01
CA ASP A 66 -9.02 18.25 21.96
C ASP A 66 -9.91 17.44 20.99
N LEU A 67 -9.38 16.30 20.64
CA LEU A 67 -9.96 15.44 19.68
C LEU A 67 -11.23 14.80 20.27
N GLN A 68 -11.16 14.43 21.53
CA GLN A 68 -12.37 14.02 22.28
C GLN A 68 -13.45 15.13 22.35
N ALA A 69 -13.03 16.34 22.60
CA ALA A 69 -14.00 17.42 22.74
C ALA A 69 -14.73 17.70 21.41
N LEU A 70 -14.00 17.47 20.33
CA LEU A 70 -14.50 17.67 19.01
C LEU A 70 -15.64 16.65 18.74
N MET A 71 -15.47 15.45 19.24
CA MET A 71 -16.54 14.44 19.13
C MET A 71 -17.89 14.88 19.58
N THR A 72 -17.97 15.86 20.47
CA THR A 72 -19.28 16.32 20.85
C THR A 72 -19.36 17.81 20.70
N ASP A 73 -18.61 18.36 19.74
CA ASP A 73 -18.65 19.77 19.44
C ASP A 73 -19.32 19.94 18.07
N SER A 74 -20.64 19.70 18.03
CA SER A 74 -21.41 19.82 16.77
C SER A 74 -21.28 21.21 16.15
N GLN A 75 -20.99 21.25 14.84
CA GLN A 75 -20.95 22.46 14.02
C GLN A 75 -22.18 22.55 13.12
N ASP A 76 -22.60 23.75 12.80
CA ASP A 76 -23.96 23.91 12.29
C ASP A 76 -24.06 23.66 10.81
N TRP A 77 -22.93 23.77 10.12
CA TRP A 77 -22.90 23.46 8.70
C TRP A 77 -22.85 21.98 8.33
N PHE A 78 -22.54 21.10 9.28
CA PHE A 78 -22.74 19.64 9.09
C PHE A 78 -22.81 19.00 10.49
N PRO A 79 -24.00 19.06 11.08
CA PRO A 79 -24.11 18.80 12.52
C PRO A 79 -23.98 17.36 12.88
N ALA A 80 -23.57 17.12 14.12
CA ALA A 80 -23.30 15.77 14.59
C ALA A 80 -24.59 15.02 14.96
N ASP A 81 -24.65 13.75 14.53
CA ASP A 81 -25.76 12.87 14.87
C ASP A 81 -25.83 12.75 16.37
N TRP A 82 -26.99 12.99 16.95
CA TRP A 82 -27.17 13.00 18.41
C TRP A 82 -26.14 13.86 19.17
N GLY A 83 -25.52 14.83 18.51
CA GLY A 83 -24.37 15.50 19.10
C GLY A 83 -23.16 14.61 19.32
N HIS A 84 -23.06 13.47 18.64
CA HIS A 84 -21.81 12.67 18.67
C HIS A 84 -21.29 12.39 17.24
N TYR A 85 -20.18 13.04 16.87
CA TYR A 85 -19.43 12.86 15.58
C TYR A 85 -18.64 11.54 15.44
N GLY A 86 -18.81 10.62 16.38
CA GLY A 86 -17.92 9.47 16.53
C GLY A 86 -18.18 8.39 15.51
N GLY A 87 -19.44 8.17 15.21
CA GLY A 87 -19.82 7.27 14.13
C GLY A 87 -19.17 7.70 12.83
N LEU A 88 -19.18 9.01 12.57
CA LEU A 88 -18.68 9.59 11.35
C LEU A 88 -17.17 9.46 11.28
N MET A 89 -16.51 9.60 12.42
CA MET A 89 -15.06 9.70 12.39
C MET A 89 -14.48 8.31 12.27
N ILE A 90 -15.26 7.36 12.77
CA ILE A 90 -14.85 5.97 12.62
C ILE A 90 -14.90 5.60 11.14
N ARG A 91 -15.96 5.99 10.47
CA ARG A 91 -16.08 5.69 9.07
C ARG A 91 -14.93 6.36 8.27
N LEU A 92 -14.66 7.64 8.51
CA LEU A 92 -13.40 8.28 8.04
C LEU A 92 -12.20 7.31 8.03
N THR A 93 -11.91 6.75 9.21
CA THR A 93 -10.65 6.11 9.45
C THR A 93 -10.67 4.70 8.87
N TRP A 94 -11.78 4.03 9.11
CA TRP A 94 -12.14 2.81 8.40
C TRP A 94 -11.93 2.99 6.87
N HIS A 95 -12.52 4.04 6.28
CA HIS A 95 -12.43 4.20 4.83
C HIS A 95 -11.03 4.54 4.36
N ALA A 96 -10.34 5.36 5.16
CA ALA A 96 -8.92 5.73 4.99
C ALA A 96 -8.02 4.51 4.95
N ALA A 97 -8.26 3.57 5.84
CA ALA A 97 -7.47 2.39 5.90
C ALA A 97 -7.94 1.30 4.99
N GLY A 98 -9.24 1.20 4.74
CA GLY A 98 -9.78 0.03 4.02
C GLY A 98 -9.47 0.00 2.52
N THR A 99 -8.71 0.96 2.06
CA THR A 99 -8.17 0.99 0.73
C THR A 99 -6.96 0.02 0.54
N TYR A 100 -6.40 -0.51 1.65
CA TYR A 100 -5.15 -1.33 1.66
C TYR A 100 -5.40 -2.61 0.91
N ARG A 101 -4.42 -3.10 0.16
CA ARG A 101 -4.54 -4.39 -0.49
C ARG A 101 -3.20 -5.04 -0.41
N ILE A 102 -3.17 -6.30 -0.06
CA ILE A 102 -1.91 -6.95 0.25
C ILE A 102 -1.06 -7.27 -0.94
N ALA A 103 -1.64 -7.38 -2.12
CA ALA A 103 -0.87 -7.93 -3.25
C ALA A 103 0.35 -7.08 -3.53
N ASP A 104 0.18 -5.75 -3.39
CA ASP A 104 1.23 -4.79 -3.62
C ASP A 104 1.38 -3.74 -2.48
N GLY A 105 0.56 -3.79 -1.45
CA GLY A 105 0.71 -2.96 -0.29
C GLY A 105 0.17 -1.56 -0.51
N ARG A 106 -0.31 -1.33 -1.72
CA ARG A 106 -0.80 0.02 -2.08
C ARG A 106 -2.12 0.29 -1.41
N GLY A 107 -2.53 1.56 -1.34
CA GLY A 107 -3.68 1.92 -0.53
C GLY A 107 -3.31 1.84 0.97
N GLY A 108 -4.19 2.38 1.81
CA GLY A 108 -3.87 2.53 3.20
C GLY A 108 -4.07 3.93 3.69
N ALA A 109 -4.07 3.99 4.99
CA ALA A 109 -4.15 5.26 5.70
C ALA A 109 -2.79 5.93 5.90
N GLY A 110 -1.71 5.26 5.50
CA GLY A 110 -0.37 5.68 5.81
C GLY A 110 0.14 6.95 5.13
N THR A 111 -0.65 7.52 4.24
CA THR A 111 -0.26 8.74 3.50
C THR A 111 -1.23 9.89 3.66
N GLY A 112 -2.38 9.67 4.29
CA GLY A 112 -3.42 10.67 4.30
C GLY A 112 -3.95 10.93 2.92
N ASN A 113 -3.93 9.89 2.07
CA ASN A 113 -4.40 9.99 0.63
C ASN A 113 -5.84 10.43 0.36
N GLN A 114 -6.71 10.25 1.34
CA GLN A 114 -8.11 10.55 1.17
C GLN A 114 -8.42 12.01 0.95
N ARG A 115 -7.47 12.91 1.13
CA ARG A 115 -7.79 14.33 1.03
C ARG A 115 -7.42 14.90 -0.35
N PHE A 116 -7.10 14.00 -1.28
CA PHE A 116 -6.89 14.34 -2.68
C PHE A 116 -7.64 13.36 -3.58
N ALA A 117 -7.76 13.71 -4.87
CA ALA A 117 -8.27 12.73 -5.83
C ALA A 117 -7.46 11.40 -5.80
N PRO A 118 -8.10 10.32 -6.24
CA PRO A 118 -9.53 10.25 -6.56
C PRO A 118 -10.30 9.97 -5.29
N LEU A 119 -9.60 9.48 -4.28
CA LEU A 119 -10.22 8.95 -3.10
C LEU A 119 -11.16 9.91 -2.44
N ASN A 120 -10.88 11.21 -2.51
CA ASN A 120 -11.75 12.20 -1.84
C ASN A 120 -13.12 12.33 -2.48
N SER A 121 -13.28 11.71 -3.65
CA SER A 121 -14.49 11.84 -4.43
C SER A 121 -15.11 10.53 -4.84
N TRP A 122 -14.57 9.42 -4.40
CA TRP A 122 -15.27 8.13 -4.52
C TRP A 122 -16.66 8.17 -3.89
N PRO A 123 -17.63 7.51 -4.52
CA PRO A 123 -18.99 7.44 -3.94
C PRO A 123 -19.04 6.82 -2.56
N ASP A 124 -18.28 5.76 -2.33
CA ASP A 124 -18.18 5.26 -0.95
C ASP A 124 -17.70 6.28 0.03
N ASN A 125 -16.92 7.28 -0.36
CA ASN A 125 -16.47 8.28 0.63
C ASN A 125 -17.40 9.52 0.73
N THR A 126 -18.67 9.34 0.38
CA THR A 126 -19.65 10.45 0.44
C THR A 126 -19.69 11.06 1.83
N ASN A 127 -19.48 12.35 1.90
CA ASN A 127 -19.55 13.07 3.16
C ASN A 127 -18.39 12.87 4.13
N LEU A 128 -17.37 12.09 3.78
CA LEU A 128 -16.17 12.10 4.59
C LEU A 128 -15.37 13.37 4.30
N ASP A 129 -15.66 14.02 3.18
CA ASP A 129 -15.18 15.40 3.04
C ASP A 129 -15.56 16.25 4.26
N LYS A 130 -16.77 16.04 4.80
CA LYS A 130 -17.23 16.74 6.02
C LYS A 130 -16.39 16.34 7.26
N ALA A 131 -16.17 15.05 7.44
CA ALA A 131 -15.34 14.62 8.59
C ALA A 131 -13.91 15.29 8.57
N ARG A 132 -13.25 15.25 7.44
CA ARG A 132 -11.92 15.85 7.30
C ARG A 132 -11.95 17.32 7.60
N ARG A 133 -12.91 17.99 7.00
CA ARG A 133 -13.02 19.39 7.22
C ARG A 133 -13.22 19.62 8.71
N LEU A 134 -13.92 18.72 9.38
CA LEU A 134 -14.24 18.96 10.81
C LEU A 134 -13.01 18.87 11.68
N LEU A 135 -12.01 18.12 11.23
CA LEU A 135 -10.72 17.99 11.91
C LEU A 135 -9.73 19.13 11.62
N TRP A 136 -10.11 20.11 10.84
CA TRP A 136 -9.15 21.06 10.38
C TRP A 136 -8.67 21.90 11.55
N PRO A 137 -9.59 22.38 12.37
CA PRO A 137 -9.14 23.32 13.44
C PRO A 137 -8.15 22.68 14.42
N ILE A 138 -8.20 21.36 14.58
CA ILE A 138 -7.20 20.66 15.39
C ILE A 138 -5.89 20.63 14.66
N LYS A 139 -5.92 20.23 13.42
CA LYS A 139 -4.73 20.30 12.61
C LYS A 139 -4.17 21.74 12.57
N GLN A 140 -5.04 22.71 12.34
CA GLN A 140 -4.60 24.08 12.39
C GLN A 140 -3.82 24.42 13.67
N LYS A 141 -4.27 23.90 14.80
CA LYS A 141 -3.68 24.18 16.08
C LYS A 141 -2.30 23.52 16.28
N TYR A 142 -2.19 22.22 16.03
CA TYR A 142 -0.94 21.46 16.24
C TYR A 142 0.06 21.57 15.10
N GLY A 143 -0.38 22.06 13.95
CA GLY A 143 0.53 22.37 12.85
C GLY A 143 1.41 21.25 12.30
N ASN A 144 2.70 21.56 12.10
CA ASN A 144 3.61 20.65 11.42
C ASN A 144 3.93 19.44 12.23
N LYS A 145 3.58 19.49 13.51
CA LYS A 145 3.88 18.41 14.40
C LYS A 145 2.83 17.32 14.28
N LEU A 146 1.76 17.60 13.54
CA LEU A 146 0.70 16.62 13.32
C LEU A 146 0.32 16.51 11.82
N SER A 147 0.70 15.43 11.18
CA SER A 147 0.27 15.23 9.79
C SER A 147 -1.26 15.00 9.67
N TRP A 148 -1.92 15.53 8.63
CA TRP A 148 -3.28 15.05 8.27
C TRP A 148 -3.34 13.51 8.22
N ALA A 149 -2.31 12.88 7.69
CA ALA A 149 -2.26 11.42 7.69
C ALA A 149 -2.49 10.82 9.09
N ASP A 150 -1.76 11.29 10.07
CA ASP A 150 -1.83 10.73 11.41
C ASP A 150 -3.20 11.14 11.97
N LEU A 151 -3.62 12.33 11.65
CA LEU A 151 -4.76 12.88 12.36
C LEU A 151 -5.94 12.09 11.89
N ILE A 152 -6.05 11.96 10.57
CA ILE A 152 -7.10 11.16 9.99
C ILE A 152 -7.07 9.74 10.56
N ALA A 153 -5.88 9.17 10.72
CA ALA A 153 -5.75 7.81 11.23
C ALA A 153 -6.15 7.70 12.71
N TYR A 154 -6.00 8.78 13.48
CA TYR A 154 -6.27 8.74 14.92
C TYR A 154 -7.74 8.94 15.21
N ALA A 155 -8.43 9.62 14.31
CA ALA A 155 -9.66 10.22 14.72
C ALA A 155 -10.62 9.15 15.14
N GLY A 156 -10.64 8.04 14.42
CA GLY A 156 -11.60 7.02 14.80
C GLY A 156 -11.23 6.28 16.07
N THR A 157 -9.93 6.15 16.36
CA THR A 157 -9.45 5.49 17.58
C THR A 157 -9.89 6.32 18.83
N ILE A 158 -9.62 7.62 18.81
CA ILE A 158 -10.23 8.48 19.83
C ILE A 158 -11.77 8.38 19.85
N ALA A 159 -12.45 8.43 18.71
CA ALA A 159 -13.89 8.19 18.73
C ALA A 159 -14.26 6.90 19.54
N TYR A 160 -13.56 5.78 19.27
CA TYR A 160 -13.77 4.53 19.97
C TYR A 160 -13.59 4.74 21.47
N GLU A 161 -12.49 5.38 21.84
CA GLU A 161 -12.21 5.61 23.24
C GLU A 161 -13.34 6.39 23.81
N SER A 162 -13.70 7.50 23.21
CA SER A 162 -14.75 8.33 23.82
C SER A 162 -16.09 7.62 23.95
N MET A 163 -16.38 6.61 23.11
CA MET A 163 -17.67 5.94 23.11
C MET A 163 -17.61 4.66 23.90
N GLY A 164 -16.43 4.38 24.48
CA GLY A 164 -16.33 3.38 25.53
C GLY A 164 -15.53 2.15 25.18
N LEU A 165 -14.89 2.12 24.01
CA LEU A 165 -14.01 0.99 23.66
C LEU A 165 -12.57 1.21 24.15
N LYS A 166 -11.98 0.17 24.75
CA LYS A 166 -10.58 0.10 25.11
C LYS A 166 -9.79 -0.24 23.85
N THR A 167 -9.36 0.80 23.16
CA THR A 167 -8.46 0.63 22.03
C THR A 167 -7.12 0.04 22.52
N PHE A 168 -6.49 -0.71 21.65
CA PHE A 168 -5.27 -1.45 21.88
C PHE A 168 -4.01 -0.58 21.70
N GLY A 169 -4.15 0.56 21.00
CA GLY A 169 -3.09 1.57 20.89
C GLY A 169 -3.02 2.32 19.60
N PHE A 170 -1.98 3.15 19.53
CA PHE A 170 -1.75 4.03 18.39
C PHE A 170 -0.29 4.47 18.25
N ALA A 171 0.12 4.56 16.99
CA ALA A 171 1.42 5.11 16.58
C ALA A 171 1.24 6.31 15.64
N PHE A 172 2.05 7.33 15.82
CA PHE A 172 2.24 8.35 14.84
C PHE A 172 3.43 8.05 13.92
N GLY A 173 3.58 8.90 12.91
CA GLY A 173 4.69 8.74 11.98
C GLY A 173 4.42 8.71 10.49
N ARG A 174 3.21 9.10 10.13
CA ARG A 174 2.77 9.06 8.75
C ARG A 174 3.01 10.43 8.15
N GLU A 175 3.91 10.50 7.17
CA GLU A 175 4.27 11.77 6.55
C GLU A 175 3.20 12.08 5.57
N ASP A 176 2.73 13.31 5.57
CA ASP A 176 1.74 13.78 4.59
C ASP A 176 2.43 13.77 3.24
N ILE A 177 1.60 13.68 2.20
CA ILE A 177 1.98 13.88 0.84
C ILE A 177 1.19 15.05 0.36
N TRP A 178 1.50 15.52 -0.86
CA TRP A 178 0.97 16.78 -1.41
C TRP A 178 0.27 16.68 -2.76
N HIS A 179 0.02 15.44 -3.19
CA HIS A 179 -0.75 15.17 -4.39
C HIS A 179 -1.13 13.69 -4.44
N PRO A 180 -2.03 13.29 -5.37
CA PRO A 180 -2.53 11.89 -5.38
C PRO A 180 -1.43 10.91 -5.72
N GLU A 181 -1.54 9.69 -5.19
CA GLU A 181 -0.57 8.67 -5.40
C GLU A 181 -0.83 8.11 -6.79
N LYS A 182 -0.20 8.71 -7.78
CA LYS A 182 -0.33 8.36 -9.20
C LYS A 182 -0.05 6.91 -9.59
N ASP A 183 0.69 6.21 -8.77
CA ASP A 183 1.14 4.86 -9.07
C ASP A 183 0.12 3.76 -8.75
N ILE A 184 -0.96 4.12 -8.03
CA ILE A 184 -1.96 3.12 -7.63
C ILE A 184 -3.01 2.89 -8.73
N TYR A 185 -3.03 1.70 -9.30
CA TYR A 185 -4.09 1.35 -10.25
C TYR A 185 -5.32 0.86 -9.47
N TRP A 186 -6.40 1.65 -9.49
CA TRP A 186 -7.67 1.31 -8.77
C TRP A 186 -8.63 0.35 -9.46
N GLY A 187 -8.43 0.17 -10.78
CA GLY A 187 -9.18 -0.79 -11.57
C GLY A 187 -9.44 -0.33 -13.00
N PRO A 188 -9.98 -1.24 -13.85
CA PRO A 188 -10.16 -0.99 -15.30
C PRO A 188 -11.36 -0.12 -15.65
N GLU A 189 -12.35 -0.06 -14.75
CA GLU A 189 -13.63 0.64 -15.04
C GLU A 189 -13.51 2.12 -15.40
N LYS A 190 -14.35 2.57 -16.33
CA LYS A 190 -14.36 3.96 -16.77
C LYS A 190 -15.51 4.72 -16.15
N GLU A 191 -16.23 4.07 -15.25
CA GLU A 191 -17.36 4.71 -14.59
C GLU A 191 -17.45 4.23 -13.15
N TRP A 192 -18.27 4.90 -12.34
CA TRP A 192 -18.42 4.62 -10.89
C TRP A 192 -19.44 3.52 -10.56
N VAL A 193 -19.05 2.63 -9.63
CA VAL A 193 -19.86 1.48 -9.19
C VAL A 193 -20.73 0.80 -10.28
N PRO A 194 -20.16 0.55 -11.51
CA PRO A 194 -20.95 -0.15 -12.53
C PRO A 194 -21.14 -1.62 -12.14
N PRO A 195 -22.24 -2.25 -12.61
CA PRO A 195 -22.40 -3.69 -12.30
C PRO A 195 -21.27 -4.56 -12.94
N SER A 196 -20.90 -5.68 -12.29
CA SER A 196 -19.82 -6.59 -12.77
C SER A 196 -20.13 -7.32 -14.10
N THR A 197 -21.36 -7.19 -14.58
CA THR A 197 -21.77 -7.65 -15.91
C THR A 197 -21.75 -6.44 -16.87
N ASN A 198 -20.55 -6.01 -17.24
CA ASN A 198 -20.30 -4.78 -18.04
C ASN A 198 -18.98 -4.93 -18.86
N PRO A 199 -18.78 -4.08 -19.90
CA PRO A 199 -17.42 -3.98 -20.47
C PRO A 199 -16.48 -3.31 -19.46
N ASN A 200 -15.19 -3.65 -19.49
CA ASN A 200 -14.21 -3.15 -18.48
C ASN A 200 -14.39 -3.74 -17.07
N SER A 201 -14.80 -5.00 -17.00
CA SER A 201 -15.14 -5.65 -15.73
C SER A 201 -13.93 -6.23 -15.00
N ARG A 202 -13.96 -6.14 -13.67
CA ARG A 202 -12.84 -6.57 -12.85
C ARG A 202 -13.01 -8.01 -12.44
N TYR A 203 -14.02 -8.67 -13.00
CA TYR A 203 -14.30 -10.07 -12.71
C TYR A 203 -14.11 -10.91 -13.95
N THR A 204 -13.55 -12.09 -13.77
CA THR A 204 -13.22 -13.02 -14.86
C THR A 204 -13.31 -14.48 -14.38
N GLY A 205 -13.82 -15.35 -15.25
CA GLY A 205 -13.96 -16.76 -14.93
C GLY A 205 -15.21 -16.92 -14.10
N ASP A 206 -15.10 -17.78 -13.09
CA ASP A 206 -16.19 -18.11 -12.14
C ASP A 206 -16.49 -16.91 -11.19
N ARG A 207 -16.72 -15.72 -11.75
CA ARG A 207 -16.77 -14.49 -10.94
C ARG A 207 -15.58 -14.40 -9.91
N GLU A 208 -14.36 -14.57 -10.43
CA GLU A 208 -13.11 -14.42 -9.67
C GLU A 208 -12.63 -13.00 -9.88
N LEU A 209 -12.17 -12.35 -8.81
CA LEU A 209 -11.81 -10.90 -8.85
C LEU A 209 -10.39 -10.68 -9.42
N GLU A 210 -10.25 -9.68 -10.30
CA GLU A 210 -8.99 -9.42 -11.03
C GLU A 210 -7.93 -9.04 -10.00
N ASN A 211 -6.78 -9.68 -10.12
CA ASN A 211 -6.02 -10.15 -8.96
C ASN A 211 -5.31 -9.18 -7.99
N PRO A 212 -4.79 -8.00 -8.43
CA PRO A 212 -4.36 -7.02 -7.34
C PRO A 212 -5.56 -6.45 -6.52
N LEU A 213 -6.68 -6.20 -7.20
CA LEU A 213 -7.86 -5.46 -6.69
C LEU A 213 -8.54 -6.09 -5.47
N ALA A 214 -9.06 -5.26 -4.58
CA ALA A 214 -9.57 -5.73 -3.30
C ALA A 214 -10.94 -5.18 -3.00
N ALA A 215 -11.59 -4.67 -4.04
CA ALA A 215 -12.94 -4.12 -3.96
C ALA A 215 -13.77 -4.67 -5.13
N VAL A 216 -15.07 -4.61 -4.98
CA VAL A 216 -15.95 -5.33 -5.88
C VAL A 216 -16.19 -4.52 -7.12
N THR A 217 -16.11 -3.22 -6.99
CA THR A 217 -16.16 -2.37 -8.17
C THR A 217 -15.40 -1.07 -7.85
N MET A 218 -15.24 -0.27 -8.90
CA MET A 218 -14.66 1.10 -8.83
C MET A 218 -15.45 2.06 -7.91
N GLY A 219 -14.78 2.55 -6.86
CA GLY A 219 -15.36 3.58 -5.99
C GLY A 219 -15.95 3.04 -4.71
N LEU A 220 -15.90 1.71 -4.57
CA LEU A 220 -16.22 1.09 -3.29
C LEU A 220 -14.93 0.73 -2.58
N ILE A 221 -15.06 0.72 -1.25
CA ILE A 221 -14.00 0.28 -0.35
C ILE A 221 -13.86 -1.24 -0.42
N TYR A 222 -14.94 -1.99 -0.11
CA TYR A 222 -14.93 -3.46 -0.21
C TYR A 222 -16.08 -4.02 -0.99
N VAL A 223 -17.26 -4.09 -0.37
CA VAL A 223 -18.38 -4.77 -1.01
C VAL A 223 -19.56 -3.85 -1.17
N ASN A 224 -20.56 -4.33 -1.92
CA ASN A 224 -21.77 -3.58 -2.15
C ASN A 224 -22.69 -3.94 -1.03
N PRO A 225 -23.08 -2.94 -0.23
CA PRO A 225 -23.99 -3.11 0.91
C PRO A 225 -25.46 -3.45 0.58
N GLU A 226 -25.86 -3.32 -0.68
CA GLU A 226 -27.20 -3.72 -1.14
C GLU A 226 -27.12 -5.11 -1.76
N GLY A 227 -25.94 -5.71 -1.80
CA GLY A 227 -25.77 -7.09 -2.24
C GLY A 227 -24.92 -7.13 -3.50
N VAL A 228 -24.66 -8.32 -4.01
CA VAL A 228 -23.88 -8.40 -5.22
C VAL A 228 -24.69 -7.76 -6.39
N ASP A 229 -24.02 -6.87 -7.12
CA ASP A 229 -24.59 -5.85 -8.04
C ASP A 229 -25.90 -5.23 -7.60
N GLY A 230 -26.04 -4.91 -6.33
CA GLY A 230 -27.27 -4.35 -5.80
C GLY A 230 -28.41 -5.36 -5.63
N ASN A 231 -28.12 -6.67 -5.75
CA ASN A 231 -29.19 -7.68 -5.54
C ASN A 231 -28.97 -8.42 -4.27
N PRO A 232 -29.80 -8.10 -3.26
CA PRO A 232 -29.57 -8.66 -1.93
C PRO A 232 -29.50 -10.17 -1.97
N ASP A 233 -28.50 -10.75 -1.34
CA ASP A 233 -28.42 -12.17 -1.11
C ASP A 233 -27.22 -12.34 -0.19
N PRO A 234 -27.49 -12.37 1.09
CA PRO A 234 -26.49 -12.45 2.14
C PRO A 234 -25.41 -13.44 1.88
N LEU A 235 -25.74 -14.54 1.20
CA LEU A 235 -24.78 -15.60 1.03
C LEU A 235 -23.79 -15.26 -0.06
N LYS A 236 -24.27 -14.54 -1.07
CA LYS A 236 -23.38 -14.05 -2.12
C LYS A 236 -22.55 -12.90 -1.56
N THR A 237 -23.18 -12.05 -0.77
CA THR A 237 -22.40 -11.02 -0.09
C THR A 237 -21.34 -11.70 0.80
N ALA A 238 -21.75 -12.62 1.66
CA ALA A 238 -20.74 -13.25 2.50
C ALA A 238 -19.44 -13.53 1.71
N HIS A 239 -19.59 -14.06 0.49
CA HIS A 239 -18.47 -14.53 -0.30
C HIS A 239 -17.56 -13.39 -0.74
N ASP A 240 -18.15 -12.31 -1.25
CA ASP A 240 -17.41 -11.11 -1.54
C ASP A 240 -16.66 -10.52 -0.33
N VAL A 241 -17.28 -10.58 0.85
CA VAL A 241 -16.66 -10.03 2.06
C VAL A 241 -15.47 -10.88 2.36
N ARG A 242 -15.60 -12.20 2.31
CA ARG A 242 -14.46 -13.09 2.65
C ARG A 242 -13.28 -12.83 1.76
N VAL A 243 -13.59 -12.60 0.49
CA VAL A 243 -12.59 -12.46 -0.58
C VAL A 243 -11.84 -11.15 -0.43
N THR A 244 -12.64 -10.07 -0.30
CA THR A 244 -12.15 -8.73 -0.22
C THR A 244 -11.34 -8.47 1.06
N PHE A 245 -11.90 -8.82 2.21
CA PHE A 245 -11.20 -8.63 3.50
C PHE A 245 -9.96 -9.51 3.58
N ALA A 246 -9.97 -10.69 2.95
CA ALA A 246 -8.71 -11.48 2.87
C ALA A 246 -7.59 -10.76 2.08
N ARG A 247 -8.03 -10.05 1.05
CA ARG A 247 -7.14 -9.29 0.20
C ARG A 247 -6.70 -7.98 0.84
N MET A 248 -7.30 -7.66 1.99
CA MET A 248 -6.79 -6.62 2.89
C MET A 248 -6.29 -7.27 4.14
N ALA A 249 -5.93 -8.55 4.09
CA ALA A 249 -5.18 -9.25 5.16
C ALA A 249 -5.96 -9.55 6.44
N MET A 250 -7.27 -9.70 6.34
CA MET A 250 -8.10 -9.97 7.51
C MET A 250 -8.76 -11.28 7.27
N ASN A 251 -8.78 -12.11 8.30
CA ASN A 251 -9.37 -13.44 8.24
C ASN A 251 -10.85 -13.41 8.64
N ASP A 252 -11.45 -14.59 8.78
CA ASP A 252 -12.88 -14.63 9.18
C ASP A 252 -13.13 -13.95 10.51
N GLU A 253 -12.26 -14.21 11.48
CA GLU A 253 -12.53 -13.77 12.82
C GLU A 253 -12.53 -12.26 12.92
N GLU A 254 -11.40 -11.70 12.52
CA GLU A 254 -11.18 -10.27 12.37
C GLU A 254 -12.25 -9.58 11.51
N THR A 255 -12.71 -10.26 10.47
CA THR A 255 -13.72 -9.67 9.57
C THR A 255 -15.05 -9.55 10.25
N VAL A 256 -15.49 -10.60 10.89
CA VAL A 256 -16.70 -10.49 11.68
C VAL A 256 -16.54 -9.39 12.72
N ALA A 257 -15.42 -9.39 13.43
CA ALA A 257 -15.21 -8.44 14.51
C ALA A 257 -15.26 -7.01 14.00
N LEU A 258 -14.52 -6.73 12.93
CA LEU A 258 -14.51 -5.38 12.38
C LEU A 258 -15.93 -4.90 12.06
N THR A 259 -16.72 -5.77 11.41
CA THR A 259 -18.02 -5.38 10.95
C THR A 259 -18.95 -5.10 12.13
N ALA A 260 -19.05 -6.07 13.03
CA ALA A 260 -19.85 -5.90 14.23
C ALA A 260 -19.40 -4.68 15.01
N GLY A 261 -18.09 -4.45 15.00
CA GLY A 261 -17.48 -3.44 15.85
C GLY A 261 -17.72 -2.07 15.29
N GLY A 262 -17.65 -2.00 13.97
CA GLY A 262 -17.94 -0.75 13.29
C GLY A 262 -19.39 -0.39 13.51
N HIS A 263 -20.27 -1.36 13.27
CA HIS A 263 -21.69 -1.03 13.18
C HIS A 263 -22.34 -0.98 14.57
N THR A 264 -21.59 -1.37 15.60
CA THR A 264 -22.01 -1.18 17.02
C THR A 264 -22.32 0.27 17.41
N VAL A 265 -21.76 1.20 16.65
CA VAL A 265 -22.04 2.63 16.81
C VAL A 265 -22.39 3.22 15.44
N GLY A 266 -22.85 4.46 15.41
CA GLY A 266 -23.23 5.08 14.15
C GLY A 266 -24.48 4.56 13.42
N LYS A 267 -24.72 5.17 12.24
CA LYS A 267 -25.88 4.89 11.40
C LYS A 267 -25.68 5.03 9.88
N CYS A 268 -26.70 4.57 9.15
CA CYS A 268 -26.78 4.74 7.69
C CYS A 268 -27.62 5.95 7.43
N HIS A 269 -27.20 6.80 6.50
CA HIS A 269 -27.95 8.02 6.15
C HIS A 269 -28.54 7.95 4.76
N GLY A 270 -29.86 8.11 4.65
CA GLY A 270 -30.51 8.05 3.34
C GLY A 270 -31.94 8.49 3.38
N ASN A 271 -32.14 9.67 3.92
CA ASN A 271 -33.45 10.19 4.11
C ASN A 271 -33.64 11.42 3.27
N GLY A 272 -33.73 11.18 1.99
CA GLY A 272 -33.85 12.27 1.04
C GLY A 272 -33.75 11.64 -0.33
N ASN A 273 -33.52 12.48 -1.33
CA ASN A 273 -33.44 12.01 -2.69
C ASN A 273 -32.01 12.27 -3.15
N ALA A 274 -31.30 11.16 -3.37
CA ALA A 274 -29.88 11.17 -3.76
C ALA A 274 -29.56 11.97 -5.05
N ALA A 275 -30.58 12.27 -5.84
CA ALA A 275 -30.38 12.93 -7.10
C ALA A 275 -30.34 14.42 -6.88
N LEU A 276 -30.80 14.87 -5.73
CA LEU A 276 -30.66 16.29 -5.41
C LEU A 276 -29.26 16.67 -5.00
N LEU A 277 -28.40 15.68 -4.80
CA LEU A 277 -27.04 15.98 -4.32
C LEU A 277 -26.15 16.45 -5.45
N GLY A 278 -25.27 17.40 -5.13
CA GLY A 278 -24.36 18.05 -6.09
C GLY A 278 -23.20 17.15 -6.43
N PRO A 279 -22.33 17.61 -7.32
CA PRO A 279 -21.18 16.83 -7.68
C PRO A 279 -20.34 16.59 -6.48
N GLU A 280 -19.73 15.42 -6.47
CA GLU A 280 -18.63 15.09 -5.60
C GLU A 280 -17.46 16.09 -5.67
N PRO A 281 -16.63 16.16 -4.64
CA PRO A 281 -15.68 17.28 -4.47
C PRO A 281 -14.83 17.66 -5.68
N GLU A 282 -14.21 16.71 -6.36
CA GLU A 282 -13.34 17.03 -7.49
C GLU A 282 -14.13 17.62 -8.65
N GLY A 283 -15.44 17.38 -8.68
CA GLY A 283 -16.26 18.06 -9.66
C GLY A 283 -17.25 19.10 -9.14
N ALA A 284 -17.16 19.52 -7.88
CA ALA A 284 -18.05 20.57 -7.39
C ALA A 284 -17.51 21.94 -7.76
N ASP A 285 -18.26 23.05 -7.74
CA ASP A 285 -17.57 24.31 -8.14
C ASP A 285 -16.89 24.93 -6.93
N VAL A 286 -16.14 26.01 -7.15
CA VAL A 286 -15.35 26.64 -6.09
C VAL A 286 -16.18 27.09 -4.91
N GLU A 287 -17.44 27.46 -5.15
CA GLU A 287 -18.34 27.89 -4.06
C GLU A 287 -18.43 26.84 -2.92
N ASP A 288 -18.14 25.58 -3.21
CA ASP A 288 -18.38 24.56 -2.22
C ASP A 288 -17.22 24.31 -1.33
N GLN A 289 -16.26 25.23 -1.30
CA GLN A 289 -15.23 25.17 -0.29
C GLN A 289 -14.42 23.86 -0.29
N GLY A 290 -14.31 23.21 -1.44
CA GLY A 290 -13.64 21.92 -1.58
C GLY A 290 -14.43 20.75 -0.99
N LEU A 291 -15.64 21.02 -0.53
CA LEU A 291 -16.57 19.93 -0.21
C LEU A 291 -17.34 19.44 -1.44
N GLY A 292 -18.17 18.42 -1.19
CA GLY A 292 -19.04 17.84 -2.18
C GLY A 292 -20.34 17.22 -1.67
N TRP A 293 -21.13 16.75 -2.64
CA TRP A 293 -22.40 16.14 -2.36
C TRP A 293 -23.32 17.09 -1.55
N ILE A 294 -23.20 18.38 -1.84
CA ILE A 294 -24.03 19.37 -1.17
C ILE A 294 -25.41 19.35 -1.82
N ASN A 295 -26.43 19.41 -0.98
CA ASN A 295 -27.80 19.53 -1.42
C ASN A 295 -28.14 20.98 -1.23
N LYS A 296 -28.35 21.71 -2.36
CA LYS A 296 -28.81 23.12 -2.36
C LYS A 296 -30.34 23.30 -2.60
N THR A 297 -30.97 22.21 -3.02
CA THR A 297 -32.38 22.12 -3.31
C THR A 297 -33.14 21.96 -2.02
N GLN A 298 -32.63 21.13 -1.13
CA GLN A 298 -33.21 20.95 0.20
C GLN A 298 -32.21 20.83 1.30
N SER A 299 -32.70 20.37 2.43
CA SER A 299 -31.88 20.15 3.56
C SER A 299 -31.17 18.85 3.33
N GLY A 300 -29.83 18.93 3.35
CA GLY A 300 -28.97 17.75 3.17
C GLY A 300 -28.30 17.27 4.45
N ILE A 301 -28.69 17.84 5.59
CA ILE A 301 -27.97 17.68 6.85
C ILE A 301 -28.91 17.27 7.96
N GLY A 302 -28.33 16.84 9.10
CA GLY A 302 -29.08 16.29 10.21
C GLY A 302 -29.76 15.02 9.79
N ARG A 303 -31.05 14.93 10.10
CA ARG A 303 -31.91 13.79 9.70
C ARG A 303 -32.20 13.72 8.20
N ASN A 304 -31.82 14.76 7.48
CA ASN A 304 -32.06 14.85 6.02
C ASN A 304 -30.84 14.46 5.18
N ALA A 305 -29.89 13.81 5.84
CA ALA A 305 -28.61 13.59 5.27
C ALA A 305 -28.74 12.39 4.40
N VAL A 306 -28.19 12.47 3.21
CA VAL A 306 -28.11 11.32 2.34
C VAL A 306 -26.65 11.04 2.11
N THR A 307 -26.23 9.84 2.49
CA THR A 307 -24.84 9.48 2.34
C THR A 307 -24.81 8.24 1.51
N SER A 308 -24.89 7.05 2.10
CA SER A 308 -25.00 5.80 1.33
C SER A 308 -26.38 5.59 0.75
N GLY A 309 -27.40 6.24 1.31
CA GLY A 309 -28.77 6.01 0.85
C GLY A 309 -29.52 4.91 1.58
N LEU A 310 -28.85 4.12 2.42
CA LEU A 310 -29.59 3.29 3.37
C LEU A 310 -29.90 4.17 4.53
N GLU A 311 -30.87 3.76 5.34
CA GLU A 311 -31.31 4.63 6.44
C GLU A 311 -31.73 3.81 7.64
N GLY A 312 -31.17 4.18 8.80
CA GLY A 312 -31.44 3.53 10.10
C GLY A 312 -30.12 3.34 10.80
N ALA A 313 -30.15 2.88 12.04
CA ALA A 313 -28.94 2.53 12.81
C ALA A 313 -29.05 1.09 13.15
N TRP A 314 -27.90 0.51 13.46
CA TRP A 314 -27.77 -0.92 13.74
C TRP A 314 -28.02 -1.26 15.20
N THR A 315 -27.80 -0.28 16.08
CA THR A 315 -27.99 -0.47 17.52
C THR A 315 -28.95 0.54 18.11
N PRO A 316 -29.58 0.19 19.24
CA PRO A 316 -30.47 1.12 19.85
C PRO A 316 -29.73 2.34 20.37
N HIS A 317 -28.47 2.14 20.78
CA HIS A 317 -27.60 3.24 21.27
C HIS A 317 -26.31 3.39 20.40
N PRO A 318 -26.42 4.16 19.29
CA PRO A 318 -25.36 4.26 18.31
C PRO A 318 -24.27 5.21 18.73
N THR A 319 -24.46 5.91 19.83
CA THR A 319 -23.34 6.72 20.34
C THR A 319 -22.54 5.99 21.39
N GLN A 320 -22.83 4.70 21.60
CA GLN A 320 -22.02 3.91 22.49
C GLN A 320 -21.76 2.47 22.17
N TRP A 321 -20.53 2.13 22.55
CA TRP A 321 -20.08 0.81 22.60
C TRP A 321 -20.95 0.07 23.64
N ASP A 322 -21.38 -1.14 23.29
CA ASP A 322 -22.44 -1.93 23.91
C ASP A 322 -22.49 -3.24 23.16
N ASN A 323 -23.41 -4.12 23.49
CA ASN A 323 -23.50 -5.42 22.78
C ASN A 323 -24.75 -5.50 21.94
N GLY A 324 -25.16 -4.33 21.46
CA GLY A 324 -26.38 -4.19 20.70
C GLY A 324 -26.35 -4.87 19.36
N TYR A 325 -25.20 -4.83 18.66
CA TYR A 325 -25.15 -5.36 17.31
C TYR A 325 -25.64 -6.79 17.24
N PHE A 326 -25.11 -7.67 18.04
CA PHE A 326 -25.50 -9.02 17.86
C PHE A 326 -26.84 -9.30 18.48
N ARG A 327 -27.20 -8.52 19.49
CA ARG A 327 -28.52 -8.67 20.11
C ARG A 327 -29.58 -8.45 19.03
N MET A 328 -29.41 -7.40 18.23
CA MET A 328 -30.36 -7.06 17.18
C MET A 328 -30.28 -8.03 16.05
N LEU A 329 -29.07 -8.48 15.73
CA LEU A 329 -28.90 -9.23 14.51
C LEU A 329 -29.42 -10.63 14.76
N LEU A 330 -29.05 -11.18 15.92
CA LEU A 330 -29.30 -12.56 16.17
C LEU A 330 -30.67 -12.74 16.75
N ASN A 331 -31.07 -11.87 17.66
CA ASN A 331 -32.34 -12.08 18.36
C ASN A 331 -33.60 -11.55 17.70
N TYR A 332 -33.47 -10.79 16.61
CA TYR A 332 -34.61 -10.46 15.80
C TYR A 332 -34.51 -11.21 14.48
N ASP A 333 -35.65 -11.28 13.81
CA ASP A 333 -35.76 -11.70 12.44
C ASP A 333 -35.85 -10.47 11.51
N TRP A 334 -35.34 -10.60 10.30
CA TRP A 334 -35.17 -9.47 9.39
C TRP A 334 -35.76 -9.71 8.00
N GLU A 335 -36.09 -8.62 7.29
CA GLU A 335 -36.68 -8.71 5.95
C GLU A 335 -36.36 -7.50 5.09
N LEU A 336 -36.39 -7.65 3.75
CA LEU A 336 -36.05 -6.54 2.84
C LEU A 336 -37.04 -5.41 2.80
N LYS A 337 -36.52 -4.22 2.64
CA LYS A 337 -37.33 -3.04 2.59
C LYS A 337 -36.55 -2.02 1.80
N LYS A 338 -37.16 -0.88 1.56
CA LYS A 338 -36.51 0.15 0.79
C LYS A 338 -36.34 1.32 1.69
N SER A 339 -35.14 1.88 1.77
CA SER A 339 -34.94 3.15 2.45
C SER A 339 -35.72 4.19 1.72
N PRO A 340 -35.91 5.39 2.31
CA PRO A 340 -36.52 6.51 1.59
C PRO A 340 -35.84 6.92 0.25
N ALA A 341 -34.56 6.63 0.09
CA ALA A 341 -33.85 7.10 -1.08
C ALA A 341 -33.75 5.98 -2.07
N GLY A 342 -34.33 4.84 -1.70
CA GLY A 342 -34.53 3.79 -2.65
C GLY A 342 -33.55 2.69 -2.56
N ALA A 343 -32.89 2.50 -1.41
CA ALA A 343 -31.91 1.43 -1.32
C ALA A 343 -32.43 0.22 -0.55
N TRP A 344 -31.96 -0.95 -0.98
CA TRP A 344 -32.25 -2.19 -0.28
C TRP A 344 -31.62 -2.19 1.06
N GLN A 345 -32.40 -2.59 2.07
CA GLN A 345 -31.86 -2.72 3.41
C GLN A 345 -32.70 -3.69 4.17
N TRP A 346 -32.25 -4.12 5.33
CA TRP A 346 -32.98 -5.09 6.14
C TRP A 346 -33.49 -4.35 7.35
N GLU A 347 -34.76 -4.58 7.65
CA GLU A 347 -35.41 -4.02 8.82
C GLU A 347 -35.94 -5.21 9.64
N PRO A 348 -35.93 -5.06 10.97
CA PRO A 348 -36.28 -6.22 11.76
C PRO A 348 -37.82 -6.34 11.84
N ILE A 349 -38.33 -7.55 12.08
CA ILE A 349 -39.77 -7.78 12.13
C ILE A 349 -40.26 -7.60 13.59
N ASN A 350 -41.24 -6.71 13.83
CA ASN A 350 -41.73 -6.46 15.21
C ASN A 350 -40.68 -6.09 16.21
N PRO A 351 -40.01 -4.99 15.97
CA PRO A 351 -39.09 -4.55 16.99
C PRO A 351 -39.84 -3.94 18.17
N ARG A 352 -39.26 -3.98 19.35
CA ARG A 352 -39.86 -3.25 20.44
C ARG A 352 -39.48 -1.78 20.35
N GLU A 353 -40.37 -0.88 20.79
CA GLU A 353 -40.10 0.55 20.84
C GLU A 353 -38.77 0.89 21.48
N GLU A 354 -38.48 0.26 22.61
CA GLU A 354 -37.32 0.64 23.41
C GLU A 354 -36.01 0.46 22.62
N ASP A 355 -36.04 -0.50 21.69
CA ASP A 355 -34.93 -0.78 20.80
C ASP A 355 -34.75 0.14 19.58
N LEU A 356 -35.57 1.15 19.43
CA LEU A 356 -35.45 1.94 18.23
C LEU A 356 -34.51 3.11 18.42
N PRO A 357 -33.52 3.24 17.54
CA PRO A 357 -32.70 4.42 17.67
C PRO A 357 -33.58 5.63 17.51
N VAL A 358 -33.33 6.64 18.33
CA VAL A 358 -34.03 7.88 18.19
C VAL A 358 -33.45 8.71 17.07
N ASP A 359 -34.13 9.79 16.80
CA ASP A 359 -33.83 10.65 15.71
C ASP A 359 -32.57 11.47 16.03
N VAL A 360 -31.85 11.89 14.98
CA VAL A 360 -30.55 12.49 15.18
C VAL A 360 -30.63 13.93 15.71
N GLU A 361 -31.80 14.54 15.62
CA GLU A 361 -31.97 15.95 15.98
C GLU A 361 -32.82 16.17 17.22
N ASP A 362 -33.73 15.22 17.49
CA ASP A 362 -34.73 15.32 18.53
C ASP A 362 -34.96 13.94 19.11
N PRO A 363 -34.57 13.73 20.34
CA PRO A 363 -34.55 12.37 20.90
C PRO A 363 -35.91 11.82 21.30
N SER A 364 -36.93 12.64 21.20
CA SER A 364 -38.28 12.16 21.50
C SER A 364 -38.90 11.42 20.31
N ILE A 365 -38.16 11.25 19.21
CA ILE A 365 -38.71 10.55 18.05
C ILE A 365 -37.95 9.30 17.73
N ARG A 366 -38.67 8.22 17.50
CA ARG A 366 -38.05 6.94 17.22
C ARG A 366 -37.98 6.75 15.74
N ARG A 367 -36.85 6.24 15.24
CA ARG A 367 -36.67 5.96 13.82
C ARG A 367 -36.53 4.44 13.70
N ASN A 368 -35.67 3.92 12.82
CA ASN A 368 -35.68 2.49 12.58
C ASN A 368 -34.31 1.85 12.72
N LEU A 369 -34.29 0.54 12.83
CA LEU A 369 -33.10 -0.23 12.80
C LEU A 369 -32.82 -0.63 11.36
N VAL A 370 -31.57 -1.03 11.09
CA VAL A 370 -31.19 -1.60 9.80
C VAL A 370 -30.09 -2.59 9.94
N MET A 371 -29.99 -3.48 8.96
CA MET A 371 -28.77 -4.20 8.70
C MET A 371 -28.49 -4.15 7.18
N THR A 372 -27.22 -4.21 6.76
CA THR A 372 -26.91 -4.24 5.36
C THR A 372 -26.85 -5.68 5.00
N ASP A 373 -26.68 -5.95 3.70
CA ASP A 373 -26.50 -7.32 3.24
C ASP A 373 -25.23 -7.94 3.87
N ALA A 374 -24.29 -7.08 4.23
CA ALA A 374 -23.03 -7.54 4.78
C ALA A 374 -23.24 -7.87 6.20
N ASP A 375 -24.15 -7.18 6.86
CA ASP A 375 -24.48 -7.52 8.24
C ASP A 375 -25.23 -8.88 8.22
N MET A 376 -26.23 -9.00 7.35
CA MET A 376 -26.99 -10.26 7.29
C MET A 376 -26.06 -11.41 6.93
N ALA A 377 -25.02 -11.15 6.17
CA ALA A 377 -24.04 -12.20 5.87
C ALA A 377 -23.41 -12.75 7.14
N MET A 378 -23.31 -11.94 8.18
CA MET A 378 -22.63 -12.39 9.39
C MET A 378 -23.51 -13.43 10.15
N LYS A 379 -24.79 -13.44 9.80
CA LYS A 379 -25.78 -14.32 10.42
C LYS A 379 -25.97 -15.57 9.57
N MET A 380 -25.96 -15.41 8.25
CA MET A 380 -26.40 -16.44 7.32
C MET A 380 -25.26 -17.29 6.82
N ASP A 381 -24.08 -16.71 6.64
CA ASP A 381 -22.90 -17.53 6.34
C ASP A 381 -22.58 -18.44 7.54
N PRO A 382 -22.33 -19.72 7.28
CA PRO A 382 -22.23 -20.62 8.39
C PRO A 382 -21.05 -20.34 9.25
N GLU A 383 -19.94 -19.99 8.63
CA GLU A 383 -18.73 -19.72 9.37
C GLU A 383 -18.84 -18.44 10.17
N TYR A 384 -19.28 -17.38 9.48
CA TYR A 384 -19.50 -16.11 10.11
C TYR A 384 -20.47 -16.32 11.30
N ARG A 385 -21.50 -17.14 11.07
CA ARG A 385 -22.47 -17.41 12.12
C ARG A 385 -21.86 -17.87 13.44
N LYS A 386 -21.00 -18.87 13.38
CA LYS A 386 -20.36 -19.41 14.59
C LYS A 386 -19.55 -18.36 15.32
N ILE A 387 -18.87 -17.52 14.56
CA ILE A 387 -18.05 -16.47 15.15
C ILE A 387 -18.98 -15.43 15.76
N SER A 388 -20.03 -15.07 15.05
CA SER A 388 -21.00 -14.14 15.59
C SER A 388 -21.56 -14.63 16.94
N GLU A 389 -21.83 -15.94 17.01
CA GLU A 389 -22.29 -16.59 18.23
C GLU A 389 -21.25 -16.46 19.33
N ARG A 390 -19.99 -16.56 18.96
CA ARG A 390 -18.94 -16.55 19.94
C ARG A 390 -18.86 -15.18 20.54
N PHE A 391 -18.99 -14.13 19.69
CA PHE A 391 -18.92 -12.72 20.12
C PHE A 391 -20.15 -12.32 20.86
N TYR A 392 -21.24 -13.03 20.64
CA TYR A 392 -22.48 -12.63 21.31
C TYR A 392 -22.44 -13.18 22.73
N GLN A 393 -21.89 -14.39 22.89
CA GLN A 393 -21.70 -15.06 24.18
C GLN A 393 -20.51 -14.52 24.97
N ASP A 394 -19.50 -13.98 24.28
CA ASP A 394 -18.24 -13.62 24.88
C ASP A 394 -17.83 -12.22 24.44
N PRO A 395 -18.52 -11.18 24.91
CA PRO A 395 -18.14 -9.81 24.52
C PRO A 395 -16.73 -9.30 24.94
N ALA A 396 -16.15 -9.85 26.00
CA ALA A 396 -14.74 -9.52 26.34
C ALA A 396 -13.81 -9.91 25.19
N TYR A 397 -14.13 -11.04 24.59
CA TYR A 397 -13.30 -11.58 23.56
C TYR A 397 -13.55 -10.81 22.29
N PHE A 398 -14.79 -10.53 22.00
CA PHE A 398 -15.19 -9.68 20.86
C PHE A 398 -14.52 -8.33 20.93
N ALA A 399 -14.42 -7.77 22.14
CA ALA A 399 -13.93 -6.40 22.29
C ALA A 399 -12.43 -6.36 22.08
N ASP A 400 -11.78 -7.49 22.34
CA ASP A 400 -10.35 -7.60 22.33
C ASP A 400 -9.95 -8.05 20.93
N VAL A 401 -10.63 -9.03 20.33
CA VAL A 401 -10.41 -9.29 18.93
C VAL A 401 -10.62 -8.02 18.06
N PHE A 402 -11.66 -7.23 18.38
CA PHE A 402 -11.93 -6.03 17.60
C PHE A 402 -10.87 -4.94 17.75
N ALA A 403 -10.51 -4.60 18.98
CA ALA A 403 -9.48 -3.58 19.20
C ALA A 403 -8.15 -3.94 18.51
N ARG A 404 -7.78 -5.20 18.54
CA ARG A 404 -6.59 -5.63 17.82
C ARG A 404 -6.66 -5.42 16.32
N ALA A 405 -7.78 -5.83 15.74
CA ALA A 405 -7.99 -5.74 14.30
C ALA A 405 -8.16 -4.29 13.85
N TRP A 406 -8.79 -3.47 14.68
CA TRP A 406 -8.85 -2.07 14.46
C TRP A 406 -7.43 -1.57 14.40
N PHE A 407 -6.62 -2.01 15.34
CA PHE A 407 -5.22 -1.57 15.33
C PHE A 407 -4.46 -2.05 14.07
N LYS A 408 -4.63 -3.32 13.73
CA LYS A 408 -3.97 -3.80 12.56
C LYS A 408 -4.54 -3.10 11.29
N LEU A 409 -5.84 -2.96 11.22
CA LEU A 409 -6.43 -2.16 10.15
C LEU A 409 -5.66 -0.83 9.90
N THR A 410 -5.45 -0.06 10.95
CA THR A 410 -4.98 1.30 10.84
C THR A 410 -3.47 1.41 10.83
N HIS A 411 -2.75 0.28 10.93
CA HIS A 411 -1.28 0.31 10.99
C HIS A 411 -0.67 -0.71 10.07
N ARG A 412 -1.53 -1.41 9.34
CA ARG A 412 -1.12 -2.52 8.51
C ARG A 412 0.01 -2.08 7.56
N ASP A 413 0.01 -0.81 7.15
CA ASP A 413 0.92 -0.32 6.14
C ASP A 413 2.03 0.56 6.73
N MET A 414 2.16 0.63 8.05
CA MET A 414 3.18 1.49 8.65
C MET A 414 4.59 0.90 8.72
N GLY A 415 4.74 -0.36 8.33
CA GLY A 415 6.09 -0.93 8.34
C GLY A 415 6.62 -1.34 9.71
N PRO A 416 7.95 -1.48 9.84
CA PRO A 416 8.51 -2.00 11.08
C PRO A 416 8.31 -1.02 12.22
N LYS A 417 8.31 -1.57 13.42
CA LYS A 417 8.07 -0.81 14.62
C LYS A 417 8.98 0.38 14.80
N ALA A 418 10.21 0.26 14.31
CA ALA A 418 11.09 1.41 14.24
C ALA A 418 10.46 2.72 13.72
N ARG A 419 9.44 2.64 12.84
CA ARG A 419 8.68 3.84 12.38
C ARG A 419 7.65 4.36 13.41
N TYR A 420 7.22 3.51 14.34
CA TYR A 420 6.14 3.86 15.30
C TYR A 420 6.60 4.88 16.34
N ILE A 421 5.84 5.92 16.58
CA ILE A 421 6.20 6.95 17.51
C ILE A 421 4.99 7.27 18.36
N GLY A 422 5.25 7.50 19.63
CA GLY A 422 4.26 8.08 20.49
C GLY A 422 4.05 7.24 21.73
N PRO A 423 3.27 7.76 22.67
CA PRO A 423 3.08 7.14 23.97
C PRO A 423 2.26 5.85 24.01
N ASP A 424 1.34 5.63 23.06
CA ASP A 424 0.40 4.50 23.10
C ASP A 424 0.77 3.37 22.15
N VAL A 425 2.04 3.28 21.83
CA VAL A 425 2.53 2.19 21.01
C VAL A 425 2.56 0.92 21.82
N PRO A 426 1.81 -0.11 21.41
CA PRO A 426 1.90 -1.39 22.17
C PRO A 426 3.30 -2.00 22.14
N GLN A 427 3.76 -2.58 23.26
CA GLN A 427 5.10 -3.23 23.31
C GLN A 427 5.09 -4.58 22.64
N GLU A 428 3.92 -5.19 22.53
CA GLU A 428 3.88 -6.47 21.82
C GLU A 428 4.46 -6.29 20.39
N ASP A 429 5.31 -7.22 19.96
CA ASP A 429 5.62 -7.37 18.55
C ASP A 429 4.56 -8.23 17.90
N LEU A 430 3.66 -7.59 17.14
CA LEU A 430 2.66 -8.29 16.36
C LEU A 430 3.34 -8.87 15.16
N ILE A 431 2.89 -10.02 14.73
CA ILE A 431 3.64 -10.72 13.72
C ILE A 431 3.54 -10.01 12.35
N TRP A 432 2.40 -9.37 12.09
CA TRP A 432 2.25 -8.60 10.87
C TRP A 432 3.14 -7.34 10.83
N GLN A 433 3.84 -7.02 11.92
CA GLN A 433 4.82 -5.92 11.91
C GLN A 433 6.17 -6.40 11.39
N ASP A 434 6.24 -7.68 10.99
CA ASP A 434 7.44 -8.29 10.39
C ASP A 434 8.70 -7.95 11.22
N PRO A 435 8.68 -8.29 12.52
CA PRO A 435 9.63 -7.78 13.51
C PRO A 435 11.02 -8.30 13.29
N ILE A 436 11.99 -7.43 13.53
CA ILE A 436 13.40 -7.72 13.37
C ILE A 436 14.19 -7.14 14.54
N PRO A 437 14.95 -8.01 15.27
CA PRO A 437 15.77 -7.47 16.37
C PRO A 437 16.86 -6.53 15.84
N ALA A 438 17.23 -5.53 16.62
CA ALA A 438 18.48 -4.79 16.44
C ALA A 438 19.67 -5.79 16.35
N GLY A 439 20.60 -5.51 15.47
CA GLY A 439 21.73 -6.45 15.28
C GLY A 439 22.99 -5.80 15.78
N ASN A 440 24.01 -6.62 16.02
CA ASN A 440 25.26 -6.11 16.57
C ASN A 440 25.95 -5.11 15.61
N ARG A 441 26.40 -3.98 16.15
CA ARG A 441 27.10 -2.93 15.39
C ARG A 441 28.59 -2.77 15.64
N ASN A 442 29.14 -3.44 16.67
CA ASN A 442 30.58 -3.34 17.00
C ASN A 442 31.29 -4.62 16.54
N TYR A 443 31.83 -4.54 15.34
CA TYR A 443 32.64 -5.61 14.80
C TYR A 443 33.48 -4.89 13.74
N ASP A 444 34.48 -5.57 13.21
CA ASP A 444 35.37 -4.88 12.31
C ASP A 444 34.85 -5.08 10.88
N VAL A 445 34.35 -3.99 10.31
CA VAL A 445 33.76 -4.09 8.99
C VAL A 445 34.82 -4.71 8.03
N GLN A 446 35.98 -4.06 7.95
CA GLN A 446 37.05 -4.51 7.06
C GLN A 446 37.42 -5.98 7.21
N ALA A 447 37.23 -6.55 8.40
CA ALA A 447 37.57 -7.95 8.58
C ALA A 447 36.60 -8.83 7.80
N VAL A 448 35.33 -8.40 7.80
CA VAL A 448 34.23 -9.14 7.17
C VAL A 448 34.45 -9.10 5.66
N LYS A 449 34.80 -7.91 5.17
CA LYS A 449 35.09 -7.74 3.76
C LYS A 449 36.19 -8.72 3.30
N ASP A 450 37.31 -8.68 4.03
CA ASP A 450 38.46 -9.55 3.79
C ASP A 450 38.04 -11.02 3.82
N ARG A 451 37.19 -11.43 4.76
CA ARG A 451 36.74 -12.84 4.76
C ARG A 451 35.85 -13.16 3.58
N ILE A 452 34.93 -12.26 3.24
CA ILE A 452 34.06 -12.46 2.07
C ILE A 452 34.98 -12.61 0.86
N ALA A 453 35.87 -11.61 0.72
CA ALA A 453 36.85 -11.60 -0.37
C ALA A 453 37.67 -12.92 -0.44
N ALA A 454 38.23 -13.28 0.71
CA ALA A 454 38.93 -14.56 0.86
C ALA A 454 38.13 -15.81 0.46
N SER A 455 36.80 -15.79 0.56
CA SER A 455 35.98 -16.94 0.14
C SER A 455 36.07 -17.15 -1.37
N GLY A 456 35.61 -18.32 -1.84
CA GLY A 456 35.64 -18.60 -3.27
C GLY A 456 34.45 -18.08 -4.06
N LEU A 457 33.88 -16.96 -3.65
CA LEU A 457 32.58 -16.58 -4.18
C LEU A 457 32.69 -15.54 -5.30
N SER A 458 32.01 -15.80 -6.44
CA SER A 458 32.12 -14.88 -7.58
C SER A 458 31.38 -13.59 -7.30
N ILE A 459 31.79 -12.57 -8.03
CA ILE A 459 31.17 -11.28 -8.03
C ILE A 459 29.67 -11.44 -8.18
N SER A 460 29.28 -12.30 -9.11
CA SER A 460 27.90 -12.43 -9.46
C SER A 460 27.14 -13.27 -8.42
N GLU A 461 27.79 -14.26 -7.84
CA GLU A 461 27.23 -14.92 -6.65
C GLU A 461 26.94 -13.92 -5.53
N LEU A 462 27.78 -12.92 -5.36
CA LEU A 462 27.66 -12.04 -4.21
C LEU A 462 26.56 -10.99 -4.44
N VAL A 463 26.50 -10.51 -5.68
CA VAL A 463 25.67 -9.37 -6.00
C VAL A 463 24.25 -9.87 -6.13
N SER A 464 24.07 -11.02 -6.76
CA SER A 464 22.75 -11.55 -6.96
C SER A 464 22.06 -11.87 -5.63
N THR A 465 22.83 -12.47 -4.74
CA THR A 465 22.32 -12.85 -3.43
C THR A 465 21.91 -11.57 -2.67
N ALA A 466 22.75 -10.53 -2.70
CA ALA A 466 22.42 -9.29 -2.00
C ALA A 466 21.24 -8.53 -2.62
N TRP A 467 21.13 -8.58 -3.94
CA TRP A 467 20.06 -7.90 -4.62
C TRP A 467 18.77 -8.56 -4.18
N ASP A 468 18.77 -9.88 -4.18
CA ASP A 468 17.59 -10.67 -3.91
C ASP A 468 17.11 -10.54 -2.46
N SER A 469 18.05 -10.35 -1.54
CA SER A 469 17.69 -10.08 -0.17
C SER A 469 16.89 -8.78 -0.09
N ALA A 470 17.37 -7.77 -0.84
CA ALA A 470 16.81 -6.38 -0.83
C ALA A 470 15.59 -6.07 -1.72
N ARG A 471 15.41 -6.83 -2.81
CA ARG A 471 14.46 -6.47 -3.87
C ARG A 471 13.01 -6.67 -3.42
N THR A 472 12.84 -7.46 -2.38
CA THR A 472 11.57 -7.56 -1.71
C THR A 472 11.04 -6.25 -1.13
N TYR A 473 11.89 -5.25 -0.88
CA TYR A 473 11.35 -4.03 -0.26
C TYR A 473 10.21 -3.48 -1.09
N ARG A 474 9.22 -2.95 -0.40
CA ARG A 474 8.23 -2.15 -1.07
C ARG A 474 7.74 -0.95 -0.24
N ASN A 475 7.82 0.22 -0.86
CA ASN A 475 7.51 1.43 -0.14
C ASN A 475 6.02 1.63 0.22
N SER A 476 5.15 0.90 -0.44
CA SER A 476 3.70 1.06 -0.27
C SER A 476 3.20 0.80 1.14
N ASP A 477 3.78 -0.24 1.76
CA ASP A 477 3.51 -0.63 3.15
C ASP A 477 4.75 -1.00 3.92
N LYS A 478 5.93 -0.73 3.35
CA LYS A 478 7.20 -0.82 4.06
C LYS A 478 7.57 -2.21 4.60
N ARG A 479 7.08 -3.22 3.88
CA ARG A 479 7.43 -4.59 4.04
C ARG A 479 8.64 -4.96 3.13
N GLY A 480 9.36 -6.00 3.53
CA GLY A 480 10.48 -6.50 2.79
C GLY A 480 11.74 -5.71 2.98
N GLY A 481 12.75 -6.19 2.29
CA GLY A 481 14.05 -5.56 2.35
C GLY A 481 15.04 -6.55 2.93
N ALA A 482 16.28 -6.07 3.04
CA ALA A 482 17.40 -6.91 3.38
C ALA A 482 17.53 -7.06 4.88
N ASN A 483 17.02 -6.09 5.64
CA ASN A 483 17.02 -6.24 7.08
C ASN A 483 16.29 -7.53 7.51
N GLY A 484 16.76 -8.16 8.58
CA GLY A 484 16.14 -9.39 9.05
C GLY A 484 16.59 -10.63 8.30
N ALA A 485 17.18 -10.47 7.13
CA ALA A 485 17.67 -11.62 6.38
C ALA A 485 16.68 -12.79 6.23
N ARG A 486 15.41 -12.46 6.04
CA ARG A 486 14.39 -13.46 5.85
C ARG A 486 14.61 -14.28 4.58
N ILE A 487 15.61 -13.88 3.81
CA ILE A 487 15.89 -14.61 2.57
C ILE A 487 16.35 -16.05 2.87
N ARG A 488 17.05 -16.20 4.00
CA ARG A 488 17.46 -17.52 4.51
C ARG A 488 16.34 -18.37 5.09
N LEU A 489 15.17 -17.79 5.28
CA LEU A 489 14.06 -18.50 5.92
C LEU A 489 13.04 -18.92 4.88
N ALA A 490 12.17 -19.82 5.31
CA ALA A 490 11.02 -20.16 4.49
C ALA A 490 10.11 -18.92 4.53
N PRO A 491 9.36 -18.67 3.45
CA PRO A 491 9.36 -19.41 2.17
C PRO A 491 10.47 -18.94 1.17
N GLN A 492 11.07 -17.78 1.45
CA GLN A 492 12.02 -17.11 0.56
C GLN A 492 13.11 -18.03 0.05
N LYS A 493 13.89 -18.63 0.93
CA LYS A 493 14.97 -19.51 0.47
C LYS A 493 14.57 -20.54 -0.60
N ASP A 494 13.28 -20.83 -0.74
CA ASP A 494 12.83 -21.78 -1.80
C ASP A 494 12.17 -21.12 -3.00
N TRP A 495 12.13 -19.82 -3.03
CA TRP A 495 11.52 -19.12 -4.14
C TRP A 495 12.39 -19.33 -5.39
N GLU A 496 11.76 -19.85 -6.44
CA GLU A 496 12.40 -20.05 -7.72
C GLU A 496 13.17 -18.78 -8.22
N GLY A 497 12.55 -17.62 -8.11
CA GLY A 497 13.25 -16.39 -8.43
C GLY A 497 14.57 -16.27 -7.72
N ASN A 498 14.65 -16.75 -6.49
CA ASN A 498 15.83 -16.55 -5.66
C ASN A 498 16.95 -17.57 -5.95
N GLU A 499 16.70 -18.49 -6.89
CA GLU A 499 17.70 -19.52 -7.27
C GLU A 499 18.30 -20.22 -6.04
N PRO A 500 17.48 -21.05 -5.38
CA PRO A 500 17.81 -21.71 -4.09
C PRO A 500 19.19 -22.39 -3.96
N ASP A 501 19.62 -23.17 -4.95
CA ASP A 501 20.92 -23.85 -4.87
C ASP A 501 22.06 -22.86 -4.76
N ARG A 502 22.02 -21.85 -5.61
CA ARG A 502 23.01 -20.78 -5.54
C ARG A 502 22.91 -20.03 -4.21
N LEU A 503 21.66 -19.77 -3.81
CA LEU A 503 21.43 -19.05 -2.59
C LEU A 503 21.97 -19.91 -1.43
N ALA A 504 21.59 -21.18 -1.40
CA ALA A 504 22.11 -22.13 -0.41
C ALA A 504 23.63 -22.10 -0.35
N LYS A 505 24.23 -22.30 -1.51
CA LYS A 505 25.67 -22.25 -1.61
C LYS A 505 26.26 -21.01 -0.90
N VAL A 506 25.73 -19.84 -1.22
CA VAL A 506 26.30 -18.59 -0.69
C VAL A 506 26.05 -18.44 0.80
N LEU A 507 24.86 -18.83 1.22
CA LEU A 507 24.49 -18.71 2.62
C LEU A 507 25.38 -19.54 3.56
N ALA A 508 25.57 -20.82 3.22
CA ALA A 508 26.57 -21.66 3.92
C ALA A 508 27.79 -20.79 4.23
N VAL A 509 28.32 -20.16 3.19
CA VAL A 509 29.52 -19.37 3.33
C VAL A 509 29.26 -18.18 4.25
N LEU A 510 28.23 -17.40 3.98
CA LEU A 510 28.11 -16.11 4.69
C LEU A 510 27.62 -16.31 6.10
N GLU A 511 26.91 -17.41 6.32
CA GLU A 511 26.45 -17.77 7.66
C GLU A 511 27.64 -18.04 8.58
N GLY A 512 28.63 -18.77 8.04
CA GLY A 512 29.94 -18.94 8.68
C GLY A 512 30.65 -17.64 9.03
N ILE A 513 30.76 -16.70 8.06
CA ILE A 513 31.48 -15.44 8.34
C ILE A 513 30.73 -14.67 9.44
N ALA A 514 29.41 -14.73 9.40
CA ALA A 514 28.62 -14.04 10.38
C ALA A 514 28.88 -14.64 11.80
N ALA A 515 28.78 -15.97 11.94
CA ALA A 515 29.19 -16.73 13.17
C ALA A 515 30.54 -16.27 13.71
N ALA A 516 31.54 -16.24 12.83
CA ALA A 516 32.90 -15.90 13.25
C ALA A 516 33.08 -14.42 13.66
N THR A 517 32.21 -13.53 13.22
CA THR A 517 32.45 -12.08 13.33
C THR A 517 31.48 -11.42 14.28
N GLY A 518 30.35 -12.09 14.54
CA GLY A 518 29.27 -11.51 15.35
C GLY A 518 28.51 -10.37 14.67
N ALA A 519 28.62 -10.29 13.35
CA ALA A 519 27.73 -9.46 12.54
C ALA A 519 26.61 -10.37 12.01
N SER A 520 25.42 -9.77 11.86
CA SER A 520 24.23 -10.52 11.43
C SER A 520 24.43 -11.06 10.03
N VAL A 521 23.87 -12.23 9.77
CA VAL A 521 23.82 -12.72 8.37
C VAL A 521 23.35 -11.57 7.46
N ALA A 522 22.40 -10.77 7.95
CA ALA A 522 21.86 -9.65 7.20
C ALA A 522 22.94 -8.67 6.79
N ASP A 523 23.70 -8.18 7.76
CA ASP A 523 24.84 -7.31 7.49
C ASP A 523 25.82 -8.02 6.55
N VAL A 524 26.07 -9.29 6.77
CA VAL A 524 27.09 -9.95 5.96
C VAL A 524 26.63 -10.02 4.52
N ILE A 525 25.36 -10.35 4.31
CA ILE A 525 24.81 -10.43 2.96
C ILE A 525 24.95 -9.12 2.19
N VAL A 526 24.56 -8.03 2.81
CA VAL A 526 24.71 -6.75 2.15
C VAL A 526 26.19 -6.42 1.87
N LEU A 527 26.99 -6.56 2.91
CA LEU A 527 28.42 -6.36 2.81
C LEU A 527 29.08 -7.14 1.72
N ALA A 528 28.63 -8.35 1.46
CA ALA A 528 29.12 -9.15 0.33
C ALA A 528 28.71 -8.58 -1.02
N GLY A 529 27.45 -8.18 -1.15
CA GLY A 529 27.06 -7.43 -2.32
C GLY A 529 28.05 -6.30 -2.53
N ASN A 530 28.32 -5.51 -1.48
CA ASN A 530 29.22 -4.37 -1.59
C ASN A 530 30.63 -4.76 -2.05
N VAL A 531 31.05 -5.96 -1.66
CA VAL A 531 32.37 -6.44 -2.03
C VAL A 531 32.38 -6.73 -3.52
N GLY A 532 31.48 -7.60 -3.97
CA GLY A 532 31.34 -7.88 -5.40
C GLY A 532 31.32 -6.63 -6.27
N VAL A 533 30.64 -5.57 -5.81
CA VAL A 533 30.58 -4.32 -6.57
C VAL A 533 31.96 -3.67 -6.58
N GLU A 534 32.53 -3.42 -5.39
CA GLU A 534 33.93 -2.98 -5.24
C GLU A 534 34.95 -3.76 -6.06
N GLN A 535 34.79 -5.07 -6.15
CA GLN A 535 35.69 -5.87 -6.98
C GLN A 535 35.54 -5.59 -8.45
N ALA A 536 34.30 -5.41 -8.89
CA ALA A 536 34.01 -5.21 -10.31
C ALA A 536 34.45 -3.84 -10.70
N ALA A 537 34.36 -2.91 -9.77
CA ALA A 537 34.78 -1.56 -10.07
C ALA A 537 36.30 -1.53 -10.09
N ARG A 538 36.92 -2.22 -9.13
CA ARG A 538 38.38 -2.36 -9.12
C ARG A 538 38.83 -2.85 -10.48
N ALA A 539 38.21 -3.91 -10.98
CA ALA A 539 38.61 -4.51 -12.26
C ALA A 539 38.56 -3.50 -13.43
N ALA A 540 37.76 -2.46 -13.30
CA ALA A 540 37.66 -1.44 -14.33
C ALA A 540 38.59 -0.31 -14.05
N GLY A 541 39.50 -0.53 -13.08
CA GLY A 541 40.37 0.49 -12.52
C GLY A 541 39.63 1.65 -11.89
N VAL A 542 38.64 1.39 -11.02
CA VAL A 542 38.12 2.42 -10.11
C VAL A 542 38.24 1.89 -8.69
N GLU A 543 38.81 2.71 -7.80
CA GLU A 543 38.79 2.38 -6.36
C GLU A 543 37.64 3.14 -5.72
N ILE A 544 36.70 2.41 -5.17
CA ILE A 544 35.60 3.03 -4.42
C ILE A 544 35.44 2.21 -3.17
N VAL A 545 34.96 2.85 -2.12
CA VAL A 545 34.46 2.08 -1.00
C VAL A 545 33.05 2.54 -0.81
N LEU A 546 32.13 1.58 -0.97
CA LEU A 546 30.71 1.88 -0.90
C LEU A 546 30.40 2.14 0.54
N PRO A 547 29.61 3.20 0.78
CA PRO A 547 29.13 3.40 2.15
C PRO A 547 28.42 2.15 2.62
N PHE A 548 28.36 1.98 3.94
CA PHE A 548 27.80 0.77 4.53
C PHE A 548 27.35 1.07 5.92
N ALA A 549 26.19 0.55 6.30
CA ALA A 549 25.62 0.83 7.60
C ALA A 549 25.34 -0.49 8.29
N PRO A 550 25.87 -0.67 9.51
CA PRO A 550 25.64 -1.94 10.17
C PRO A 550 24.46 -1.82 11.13
N GLY A 551 24.00 -2.96 11.62
CA GLY A 551 22.87 -2.97 12.59
C GLY A 551 21.71 -3.89 12.23
N ARG A 552 21.73 -4.52 11.06
CA ARG A 552 20.59 -5.32 10.63
C ARG A 552 20.48 -6.49 11.58
N GLY A 553 19.27 -6.98 11.80
CA GLY A 553 19.09 -8.11 12.64
C GLY A 553 18.82 -9.29 11.78
N ASP A 554 18.86 -10.48 12.38
CA ASP A 554 18.27 -11.67 11.76
C ASP A 554 16.93 -11.92 12.43
N ALA A 555 15.90 -12.18 11.64
CA ALA A 555 14.58 -12.43 12.21
C ALA A 555 14.39 -13.92 12.35
N THR A 556 13.52 -14.31 13.28
CA THR A 556 13.32 -15.74 13.56
C THR A 556 12.25 -16.23 12.64
N ALA A 557 12.26 -17.51 12.33
CA ALA A 557 11.11 -18.08 11.64
C ALA A 557 9.80 -17.88 12.43
N GLU A 558 9.93 -17.77 13.75
CA GLU A 558 8.75 -17.74 14.62
C GLU A 558 8.06 -16.44 14.32
N GLN A 559 8.85 -15.37 14.21
CA GLN A 559 8.31 -14.07 13.83
C GLN A 559 8.24 -13.84 12.33
N THR A 560 8.09 -14.89 11.54
CA THR A 560 7.99 -14.70 10.13
C THR A 560 6.73 -15.45 9.75
N ASP A 561 5.66 -14.70 9.43
CA ASP A 561 4.43 -15.34 8.94
C ASP A 561 4.58 -15.73 7.48
N THR A 562 4.77 -17.03 7.28
CA THR A 562 5.00 -17.64 5.99
C THR A 562 3.96 -17.25 4.95
N GLU A 563 2.70 -17.31 5.29
CA GLU A 563 1.68 -16.99 4.33
C GLU A 563 1.66 -15.47 3.94
N SER A 564 1.89 -14.57 4.89
CA SER A 564 1.87 -13.15 4.56
C SER A 564 2.98 -12.74 3.55
N PHE A 565 4.03 -13.53 3.49
CA PHE A 565 5.16 -13.25 2.59
C PHE A 565 4.98 -13.77 1.18
N ALA A 566 3.98 -14.59 0.94
CA ALA A 566 3.69 -15.06 -0.44
C ALA A 566 3.63 -13.86 -1.40
N VAL A 567 2.95 -12.83 -0.94
CA VAL A 567 2.67 -11.61 -1.67
C VAL A 567 3.93 -10.81 -2.10
N LEU A 568 5.05 -11.01 -1.42
CA LEU A 568 6.37 -10.43 -1.78
C LEU A 568 7.26 -11.31 -2.65
N GLU A 569 6.81 -12.50 -3.04
CA GLU A 569 7.61 -13.32 -3.91
C GLU A 569 7.86 -12.56 -5.22
N PRO A 570 9.11 -12.48 -5.65
CA PRO A 570 9.43 -12.03 -6.98
C PRO A 570 9.17 -13.10 -8.05
N ILE A 571 8.02 -12.96 -8.70
CA ILE A 571 7.64 -13.82 -9.81
C ILE A 571 8.03 -13.11 -11.10
N HIS A 572 8.48 -11.86 -10.92
CA HIS A 572 9.16 -11.15 -11.97
C HIS A 572 10.19 -10.19 -11.39
N ASP A 573 11.31 -10.04 -12.09
CA ASP A 573 12.29 -8.98 -11.79
C ASP A 573 13.18 -8.59 -13.01
N GLY A 574 12.76 -7.55 -13.73
CA GLY A 574 13.63 -6.96 -14.76
C GLY A 574 15.11 -6.79 -14.37
N TYR A 575 15.40 -6.41 -13.13
CA TYR A 575 16.79 -6.12 -12.75
C TYR A 575 17.66 -7.42 -12.92
N ARG A 576 17.08 -8.60 -12.91
CA ARG A 576 17.84 -9.79 -13.16
C ARG A 576 17.29 -10.60 -14.34
N ASN A 577 16.60 -9.89 -15.25
CA ASN A 577 15.97 -10.49 -16.42
C ASN A 577 15.17 -11.71 -16.05
N TRP A 578 14.44 -11.65 -14.96
CA TRP A 578 13.61 -12.77 -14.45
C TRP A 578 12.12 -12.63 -14.84
N LEU A 579 11.54 -13.62 -15.49
CA LEU A 579 10.09 -13.79 -15.52
C LEU A 579 9.70 -15.23 -15.20
N LYS A 580 9.12 -15.47 -14.04
CA LYS A 580 8.59 -16.80 -13.74
C LYS A 580 7.56 -17.35 -14.76
N GLN A 581 6.75 -16.52 -15.41
CA GLN A 581 5.74 -17.02 -16.40
C GLN A 581 5.58 -16.01 -17.54
N ASP A 582 4.39 -15.89 -18.12
CA ASP A 582 4.18 -15.14 -19.39
C ASP A 582 3.06 -14.09 -19.31
N TYR A 583 3.14 -13.22 -18.30
CA TYR A 583 2.02 -12.41 -17.79
C TYR A 583 1.45 -11.51 -18.86
N ALA A 584 0.23 -11.02 -18.63
CA ALA A 584 -0.49 -10.11 -19.56
C ALA A 584 0.20 -8.77 -19.73
N ALA A 585 0.55 -8.17 -18.58
CA ALA A 585 1.48 -7.04 -18.54
C ALA A 585 2.80 -7.37 -19.24
N THR A 586 3.22 -6.45 -20.10
CA THR A 586 4.53 -6.47 -20.69
C THR A 586 5.64 -6.35 -19.64
N PRO A 587 6.78 -6.92 -19.95
CA PRO A 587 7.85 -6.97 -18.96
C PRO A 587 8.32 -5.64 -18.47
N GLU A 588 8.28 -4.64 -19.34
CA GLU A 588 8.75 -3.33 -18.98
C GLU A 588 7.80 -2.68 -18.00
N GLU A 589 6.50 -2.93 -18.13
CA GLU A 589 5.51 -2.48 -17.11
C GLU A 589 5.74 -3.15 -15.79
N LEU A 590 6.06 -4.46 -15.83
CA LEU A 590 6.39 -5.15 -14.61
C LEU A 590 7.64 -4.51 -13.95
N LEU A 591 8.59 -4.14 -14.78
CA LEU A 591 9.80 -3.50 -14.31
C LEU A 591 9.46 -2.18 -13.67
N LEU A 592 8.57 -1.43 -14.29
CA LEU A 592 8.20 -0.12 -13.74
C LEU A 592 7.51 -0.22 -12.39
N ASP A 593 6.64 -1.22 -12.24
CA ASP A 593 5.95 -1.49 -10.97
C ASP A 593 6.93 -1.71 -9.86
N ARG A 594 7.78 -2.73 -10.03
CA ARG A 594 8.78 -3.04 -9.05
C ARG A 594 9.60 -1.80 -8.74
N THR A 595 10.06 -1.03 -9.74
CA THR A 595 10.98 0.05 -9.40
C THR A 595 10.26 1.11 -8.61
N GLN A 596 9.00 1.30 -8.93
CA GLN A 596 8.24 2.26 -8.18
C GLN A 596 8.13 1.78 -6.77
N LEU A 597 7.86 0.51 -6.55
CA LEU A 597 7.79 0.02 -5.17
C LEU A 597 9.11 0.20 -4.43
N LEU A 598 10.22 -0.16 -5.07
CA LEU A 598 11.54 0.10 -4.51
C LEU A 598 11.83 1.55 -4.14
N GLY A 599 11.05 2.47 -4.64
CA GLY A 599 11.26 3.85 -4.38
C GLY A 599 12.27 4.48 -5.29
N LEU A 600 12.48 3.89 -6.48
CA LEU A 600 13.55 4.37 -7.39
C LEU A 600 13.09 5.34 -8.49
N THR A 601 13.98 6.21 -8.92
CA THR A 601 13.69 7.12 -10.02
C THR A 601 14.04 6.46 -11.32
N ALA A 602 13.69 7.09 -12.42
CA ALA A 602 13.92 6.51 -13.71
C ALA A 602 15.42 6.50 -14.02
N PRO A 603 16.14 7.60 -13.72
CA PRO A 603 17.60 7.53 -13.89
C PRO A 603 18.27 6.39 -13.11
N GLU A 604 17.82 6.20 -11.87
CA GLU A 604 18.31 5.16 -10.96
C GLU A 604 17.99 3.82 -11.55
N MET A 605 16.78 3.66 -12.10
CA MET A 605 16.37 2.38 -12.71
C MET A 605 17.31 2.09 -13.88
N THR A 606 17.59 3.13 -14.64
CA THR A 606 18.45 2.98 -15.78
C THR A 606 19.85 2.46 -15.37
N VAL A 607 20.51 3.12 -14.39
CA VAL A 607 21.89 2.75 -14.09
C VAL A 607 21.96 1.35 -13.57
N LEU A 608 20.96 0.93 -12.79
CA LEU A 608 20.96 -0.41 -12.20
C LEU A 608 20.91 -1.49 -13.26
N ILE A 609 20.12 -1.25 -14.28
CA ILE A 609 19.96 -2.25 -15.26
C ILE A 609 21.28 -2.40 -16.00
N GLY A 610 21.92 -1.28 -16.26
CA GLY A 610 23.20 -1.27 -16.99
C GLY A 610 24.25 -2.04 -16.22
N GLY A 611 24.33 -1.75 -14.93
CA GLY A 611 25.33 -2.41 -14.08
C GLY A 611 25.13 -3.89 -13.93
N LEU A 612 23.99 -4.25 -13.32
CA LEU A 612 23.66 -5.64 -13.09
C LEU A 612 23.91 -6.43 -14.35
N ARG A 613 23.64 -5.87 -15.52
CA ARG A 613 23.80 -6.65 -16.72
C ARG A 613 25.25 -7.06 -16.99
N VAL A 614 26.14 -6.07 -16.90
CA VAL A 614 27.54 -6.33 -17.07
C VAL A 614 28.18 -7.04 -15.87
N LEU A 615 27.58 -7.01 -14.67
CA LEU A 615 28.12 -7.81 -13.54
C LEU A 615 27.75 -9.27 -13.75
N GLY A 616 26.93 -9.54 -14.77
CA GLY A 616 26.52 -10.91 -15.12
C GLY A 616 25.60 -11.45 -14.04
N THR A 617 24.44 -10.83 -13.83
CA THR A 617 23.59 -11.22 -12.70
C THR A 617 22.23 -11.80 -13.10
N ASN A 618 22.03 -12.08 -14.38
CA ASN A 618 20.75 -12.64 -14.82
C ASN A 618 20.42 -13.94 -14.13
N HIS A 619 19.23 -14.02 -13.58
CA HIS A 619 18.66 -15.32 -13.28
C HIS A 619 18.96 -16.33 -14.40
N GLY A 620 19.39 -17.53 -13.97
CA GLY A 620 19.71 -18.67 -14.83
C GLY A 620 21.06 -18.55 -15.54
N GLY A 621 21.93 -17.63 -15.10
CA GLY A 621 23.08 -17.17 -15.89
C GLY A 621 22.86 -16.96 -17.40
N THR A 622 21.65 -16.59 -17.79
CA THR A 622 21.33 -16.19 -19.14
C THR A 622 22.20 -14.96 -19.63
N LYS A 623 22.51 -14.93 -20.94
CA LYS A 623 23.31 -13.81 -21.51
C LYS A 623 22.54 -12.62 -22.04
N HIS A 624 21.23 -12.64 -21.90
CA HIS A 624 20.39 -11.62 -22.45
C HIS A 624 20.75 -10.29 -21.86
N GLY A 625 21.12 -9.33 -22.70
CA GLY A 625 21.41 -7.97 -22.25
C GLY A 625 22.83 -7.68 -21.75
N VAL A 626 23.65 -8.72 -21.77
CA VAL A 626 25.03 -8.64 -21.30
C VAL A 626 25.83 -8.14 -22.51
N PHE A 627 25.81 -6.84 -22.76
CA PHE A 627 26.51 -6.32 -23.92
C PHE A 627 27.91 -5.88 -23.50
N THR A 628 28.75 -6.86 -23.18
CA THR A 628 30.18 -6.63 -22.81
C THR A 628 31.02 -7.77 -23.36
N ASP A 629 32.34 -7.52 -23.46
CA ASP A 629 33.32 -8.61 -23.54
C ASP A 629 33.85 -8.99 -22.17
N ARG A 630 33.56 -8.17 -21.17
CA ARG A 630 34.16 -8.28 -19.87
C ARG A 630 33.11 -8.28 -18.76
N GLU A 631 32.39 -9.38 -18.75
CA GLU A 631 31.41 -9.69 -17.75
C GLU A 631 32.14 -9.78 -16.42
N GLY A 632 31.58 -9.19 -15.37
CA GLY A 632 32.25 -9.07 -14.09
C GLY A 632 32.94 -7.74 -13.92
N VAL A 633 32.99 -6.95 -14.97
CA VAL A 633 33.66 -5.64 -14.87
C VAL A 633 32.64 -4.52 -15.04
N LEU A 634 32.66 -3.59 -14.10
CA LEU A 634 31.68 -2.52 -14.04
C LEU A 634 31.93 -1.33 -14.97
N THR A 635 31.42 -1.50 -16.18
CA THR A 635 31.52 -0.54 -17.28
C THR A 635 30.16 -0.04 -17.73
N ASN A 636 30.22 1.02 -18.51
CA ASN A 636 29.05 1.54 -19.16
C ASN A 636 28.77 0.87 -20.51
N ASP A 637 29.25 -0.35 -20.69
CA ASP A 637 29.17 -1.07 -21.99
C ASP A 637 27.76 -1.43 -22.40
N PHE A 638 26.91 -1.71 -21.41
CA PHE A 638 25.51 -1.99 -21.72
C PHE A 638 24.97 -0.81 -22.58
N PHE A 639 25.16 0.42 -22.11
CA PHE A 639 24.67 1.62 -22.80
C PHE A 639 25.38 1.97 -24.06
N VAL A 640 26.68 1.73 -24.04
CA VAL A 640 27.52 1.92 -25.19
C VAL A 640 27.06 1.00 -26.31
N ASN A 641 26.82 -0.27 -26.07
CA ASN A 641 26.43 -1.15 -27.18
C ASN A 641 24.95 -1.01 -27.57
N LEU A 642 24.10 -0.76 -26.58
CA LEU A 642 22.66 -0.53 -26.77
C LEU A 642 22.37 0.56 -27.80
N THR A 643 23.24 1.52 -27.77
CA THR A 643 22.95 2.80 -28.31
C THR A 643 23.57 2.89 -29.72
N ASP A 644 24.21 1.82 -30.14
CA ASP A 644 25.04 1.77 -31.34
C ASP A 644 24.30 1.21 -32.59
N MET A 645 24.27 2.03 -33.64
CA MET A 645 23.48 1.70 -34.82
C MET A 645 24.20 0.80 -35.79
N ASN A 646 25.42 0.35 -35.44
CA ASN A 646 26.01 -0.78 -36.17
C ASN A 646 25.16 -2.06 -36.03
N TYR A 647 24.41 -2.19 -34.91
CA TYR A 647 23.44 -3.29 -34.74
C TYR A 647 22.02 -2.93 -35.20
N LEU A 648 21.30 -3.96 -35.62
CA LEU A 648 19.88 -3.90 -35.85
C LEU A 648 19.30 -4.92 -34.90
N TRP A 649 18.03 -4.76 -34.55
CA TRP A 649 17.39 -5.64 -33.56
C TRP A 649 16.21 -6.40 -34.18
N LYS A 650 16.21 -7.70 -33.94
CA LYS A 650 15.27 -8.60 -34.58
C LYS A 650 14.47 -9.40 -33.53
N PRO A 651 13.15 -9.26 -33.53
CA PRO A 651 12.37 -10.11 -32.67
C PRO A 651 12.68 -11.61 -32.94
N ALA A 652 12.78 -12.38 -31.83
CA ALA A 652 13.16 -13.78 -31.86
C ALA A 652 12.32 -14.51 -30.86
N GLY A 653 11.01 -14.32 -30.98
CA GLY A 653 10.06 -14.92 -30.07
C GLY A 653 9.68 -14.11 -28.84
N LYS A 654 9.13 -14.83 -27.88
CA LYS A 654 8.68 -14.31 -26.60
C LYS A 654 9.77 -13.64 -25.77
N ASN A 655 9.68 -12.32 -25.65
CA ASN A 655 10.50 -11.53 -24.75
C ASN A 655 11.94 -11.74 -25.14
N LEU A 656 12.19 -11.70 -26.46
CA LEU A 656 13.51 -12.12 -26.90
C LEU A 656 13.82 -11.58 -28.26
N TYR A 657 15.04 -11.05 -28.35
CA TYR A 657 15.52 -10.36 -29.51
C TYR A 657 16.96 -10.75 -29.74
N GLU A 658 17.33 -10.72 -31.04
CA GLU A 658 18.68 -10.93 -31.51
C GLU A 658 19.25 -9.61 -31.99
N ILE A 659 20.47 -9.36 -31.58
CA ILE A 659 21.17 -8.12 -31.86
C ILE A 659 22.20 -8.45 -32.87
N CYS A 660 22.01 -7.92 -34.04
CA CYS A 660 22.67 -8.45 -35.18
C CYS A 660 23.48 -7.34 -35.75
N ASP A 661 24.67 -7.70 -36.19
CA ASP A 661 25.53 -6.83 -36.91
C ASP A 661 24.97 -6.58 -38.30
N ARG A 662 24.78 -5.31 -38.65
CA ARG A 662 24.27 -4.90 -39.98
C ARG A 662 25.12 -5.34 -41.14
N LYS A 663 26.44 -5.41 -40.93
CA LYS A 663 27.39 -5.77 -41.99
C LYS A 663 27.34 -7.29 -42.23
N THR A 664 27.70 -8.04 -41.21
CA THR A 664 27.82 -9.47 -41.32
C THR A 664 26.49 -10.19 -41.19
N ASN A 665 25.43 -9.47 -40.83
CA ASN A 665 24.13 -10.10 -40.52
C ASN A 665 24.27 -11.29 -39.57
N GLN A 666 25.11 -11.16 -38.56
CA GLN A 666 25.30 -12.20 -37.56
C GLN A 666 24.86 -11.77 -36.18
N VAL A 667 24.49 -12.74 -35.37
CA VAL A 667 23.92 -12.48 -34.09
C VAL A 667 25.02 -12.26 -33.15
N LYS A 668 25.01 -11.09 -32.50
CA LYS A 668 26.10 -10.70 -31.64
C LYS A 668 25.77 -10.91 -30.19
N TRP A 669 24.57 -10.55 -29.81
CA TRP A 669 24.07 -10.77 -28.44
C TRP A 669 22.59 -11.14 -28.56
N THR A 670 21.98 -11.47 -27.43
CA THR A 670 20.52 -11.55 -27.31
C THR A 670 20.05 -10.61 -26.22
N ALA A 671 18.77 -10.29 -26.25
CA ALA A 671 18.22 -9.30 -25.34
C ALA A 671 16.72 -9.47 -25.15
N THR A 672 16.24 -9.08 -23.96
CA THR A 672 14.84 -9.07 -23.67
C THR A 672 14.26 -7.65 -23.81
N ARG A 673 12.93 -7.57 -23.76
CA ARG A 673 12.25 -6.32 -23.78
C ARG A 673 12.70 -5.48 -22.63
N VAL A 674 13.05 -6.10 -21.51
CA VAL A 674 13.42 -5.31 -20.39
C VAL A 674 14.67 -4.55 -20.82
N ASP A 675 15.51 -5.23 -21.57
CA ASP A 675 16.77 -4.66 -21.95
C ASP A 675 16.52 -3.56 -22.94
N LEU A 676 15.82 -3.87 -24.02
CA LEU A 676 15.70 -2.94 -25.11
C LEU A 676 14.73 -1.78 -24.93
N VAL A 677 13.92 -1.79 -23.88
CA VAL A 677 13.01 -0.69 -23.71
C VAL A 677 13.86 0.55 -23.44
N PHE A 678 15.02 0.33 -22.85
CA PHE A 678 16.00 1.38 -22.58
C PHE A 678 16.66 1.98 -23.79
N GLY A 679 16.47 1.34 -24.95
CA GLY A 679 16.89 1.94 -26.20
C GLY A 679 15.72 2.23 -27.13
N SER A 680 14.52 2.24 -26.59
CA SER A 680 13.32 2.36 -27.40
C SER A 680 12.43 3.52 -26.95
N ASN A 681 12.06 3.49 -25.69
CA ASN A 681 11.39 4.60 -25.04
C ASN A 681 12.32 5.79 -25.11
N SER A 682 11.73 6.92 -25.46
CA SER A 682 12.46 8.07 -25.89
C SER A 682 13.07 8.77 -24.63
N ILE A 683 12.38 8.64 -23.49
CA ILE A 683 12.93 9.18 -22.26
C ILE A 683 14.03 8.25 -21.75
N LEU A 684 13.81 6.95 -21.78
CA LEU A 684 14.85 6.04 -21.32
C LEU A 684 16.07 6.09 -22.24
N ARG A 685 15.90 6.18 -23.56
CA ARG A 685 17.06 6.20 -24.44
C ARG A 685 17.88 7.48 -24.19
N ALA A 686 17.22 8.58 -23.88
CA ALA A 686 17.90 9.78 -23.47
C ALA A 686 18.86 9.52 -22.29
N TYR A 687 18.37 8.81 -21.28
CA TYR A 687 19.21 8.40 -20.15
C TYR A 687 20.32 7.47 -20.59
N SER A 688 20.00 6.48 -21.41
CA SER A 688 20.98 5.55 -21.85
C SER A 688 22.04 6.26 -22.61
N GLU A 689 21.64 7.20 -23.48
CA GLU A 689 22.56 7.90 -24.37
C GLU A 689 23.54 8.62 -23.50
N LEU A 690 23.04 9.40 -22.56
CA LEU A 690 23.89 10.08 -21.56
C LEU A 690 25.01 9.21 -20.99
N TYR A 691 24.66 7.98 -20.61
CA TYR A 691 25.61 7.12 -19.92
C TYR A 691 26.55 6.39 -20.89
N ALA A 692 26.26 6.49 -22.19
CA ALA A 692 27.10 5.92 -23.19
C ALA A 692 28.03 6.97 -23.76
N GLN A 693 27.94 8.19 -23.25
CA GLN A 693 28.87 9.23 -23.60
C GLN A 693 30.30 8.89 -23.16
N ASP A 694 31.24 9.27 -24.03
CA ASP A 694 32.68 9.07 -23.84
C ASP A 694 33.12 9.65 -22.51
N ASP A 695 32.49 10.73 -22.08
CA ASP A 695 32.88 11.41 -20.84
C ASP A 695 32.17 10.95 -19.54
N ASN A 696 31.45 9.82 -19.56
CA ASN A 696 30.53 9.50 -18.42
C ASN A 696 30.70 8.16 -17.75
N LYS A 697 31.86 7.57 -17.98
CA LYS A 697 32.25 6.33 -17.35
C LYS A 697 32.36 6.37 -15.82
N GLU A 698 33.00 7.40 -15.29
CA GLU A 698 32.99 7.64 -13.85
C GLU A 698 31.57 7.94 -13.33
N LYS A 699 30.86 8.81 -14.00
CA LYS A 699 29.54 9.18 -13.56
C LYS A 699 28.58 7.98 -13.60
N PHE A 700 28.78 7.07 -14.54
CA PHE A 700 27.98 5.85 -14.51
C PHE A 700 28.19 5.06 -13.24
N VAL A 701 29.45 4.92 -12.88
CA VAL A 701 29.86 4.18 -11.71
C VAL A 701 29.42 4.90 -10.44
N ARG A 702 29.85 6.12 -10.22
CA ARG A 702 29.31 6.85 -9.08
C ARG A 702 27.73 6.68 -9.02
N ASP A 703 27.04 6.61 -10.16
CA ASP A 703 25.59 6.63 -10.10
C ASP A 703 24.98 5.27 -9.80
N PHE A 704 25.51 4.22 -10.44
CA PHE A 704 25.17 2.87 -10.07
C PHE A 704 25.35 2.59 -8.55
N VAL A 705 26.47 3.06 -8.04
CA VAL A 705 26.84 2.81 -6.66
C VAL A 705 25.82 3.46 -5.73
N ALA A 706 25.58 4.74 -5.95
CA ALA A 706 24.53 5.47 -5.24
C ALA A 706 23.18 4.70 -5.23
N ALA A 707 22.83 4.11 -6.36
CA ALA A 707 21.55 3.49 -6.53
C ALA A 707 21.53 2.16 -5.82
N TRP A 708 22.57 1.36 -6.07
CA TRP A 708 22.79 0.16 -5.29
C TRP A 708 22.60 0.42 -3.78
N THR A 709 23.22 1.49 -3.34
CA THR A 709 23.23 1.86 -1.97
C THR A 709 21.82 2.25 -1.47
N LYS A 710 21.14 3.10 -2.21
CA LYS A 710 19.77 3.47 -1.89
C LYS A 710 18.86 2.22 -1.61
N VAL A 711 19.06 1.16 -2.42
CA VAL A 711 18.30 -0.08 -2.37
C VAL A 711 18.68 -0.97 -1.22
N MET A 712 19.97 -1.03 -0.92
CA MET A 712 20.46 -1.79 0.25
C MET A 712 20.02 -1.09 1.55
N ASN A 713 19.89 0.25 1.59
CA ASN A 713 19.42 0.93 2.82
C ASN A 713 17.94 1.32 2.85
N ALA A 714 17.16 0.81 1.91
CA ALA A 714 15.76 1.23 1.80
C ALA A 714 14.89 0.97 3.06
N ASP A 715 15.03 -0.21 3.66
CA ASP A 715 14.27 -0.61 4.87
C ASP A 715 14.95 -0.32 6.20
N ARG A 716 16.00 0.51 6.21
CA ARG A 716 16.77 0.81 7.41
C ARG A 716 16.20 1.97 8.16
N PHE A 717 14.95 1.83 8.59
CA PHE A 717 14.23 2.80 9.49
C PHE A 717 14.71 2.84 10.96
N ASP A 718 15.45 1.79 11.35
CA ASP A 718 16.05 1.74 12.68
C ASP A 718 17.16 2.78 12.87
N LEU A 719 17.69 3.33 11.77
CA LEU A 719 18.72 4.36 11.83
C LEU A 719 18.17 5.78 11.86
N ASP A 720 17.33 6.13 10.89
CA ASP A 720 16.91 7.55 10.71
C ASP A 720 15.95 8.02 11.83
FE HEB B . -19.69 0.30 7.66
CHA HEB B . -21.58 3.09 8.00
CHB HEB B . -21.45 -0.60 4.82
CHC HEB B . -17.68 -2.39 7.22
CHD HEB B . -17.91 1.18 10.40
NA HEB B . -21.28 1.10 6.63
C1A HEB B . -21.85 2.26 6.84
C2A HEB B . -22.87 2.58 5.85
C3A HEB B . -22.88 1.46 4.92
C4A HEB B . -21.80 0.66 5.46
CMA HEB B . -23.69 1.15 3.69
CAA HEB B . -23.75 3.77 5.89
CBA HEB B . -23.08 5.02 5.39
CGA HEB B . -24.08 6.15 5.52
O1A HEB B . -25.10 5.97 4.81
O2A HEB B . -23.89 7.14 6.30
NB HEB B . -19.60 -1.25 6.33
C1B HEB B . -20.38 -1.47 5.25
C2B HEB B . -20.12 -2.71 4.48
C3B HEB B . -18.99 -3.24 5.19
C4B HEB B . -18.76 -2.26 6.29
CMB HEB B . -20.83 -3.24 3.26
CAB HEB B . -18.26 -4.48 4.85
CBB HEB B . -18.40 -5.42 6.01
NC HEB B . -18.09 -0.50 8.69
C1C HEB B . -17.32 -1.50 8.30
C2C HEB B . -16.17 -1.81 9.16
C3C HEB B . -16.23 -0.72 10.10
C4C HEB B . -17.42 0.05 9.68
CMC HEB B . -15.27 -2.98 8.97
CAC HEB B . -15.41 -0.40 11.30
CBC HEB B . -14.42 -1.15 11.76
ND HEB B . -19.75 1.88 9.00
C1D HEB B . -19.01 2.04 10.06
C2D HEB B . -19.34 3.18 10.92
C3D HEB B . -20.41 3.82 10.20
C4D HEB B . -20.57 2.90 9.05
CMD HEB B . -18.67 3.59 12.20
CAD HEB B . -21.12 5.04 10.73
CBD HEB B . -21.20 6.30 9.89
CGD HEB B . -21.95 7.37 10.69
O1D HEB B . -22.02 8.58 10.24
O2D HEB B . -22.49 6.98 11.77
NA NA C . 0.01 1.44 1.13
NA NA D . -24.24 0.76 20.31
NA NA E . -34.64 3.52 23.37
#